data_5MEM
#
_entry.id   5MEM
#
_cell.length_a   128.363
_cell.length_b   128.363
_cell.length_c   116.512
_cell.angle_alpha   90.00
_cell.angle_beta   90.00
_cell.angle_gamma   90.00
#
_symmetry.space_group_name_H-M   'P 43 21 2'
#
loop_
_entity.id
_entity.type
_entity.pdbx_description
1 polymer 'Glycogen phosphorylase, muscle form'
2 non-polymer "PYRIDOXAL-5'-PHOSPHATE"
3 non-polymer 2-[[1-[(2~{R},3~{R},4~{S},5~{S},6~{R})-6-(hydroxymethyl)-3,4,5-tris(oxidanyl)oxan-2-yl]-2-oxidanylidene-pyrimidin-4-yl]amino]-10~{H}-acridin-9-one
4 water water
#
_entity_poly.entity_id   1
_entity_poly.type   'polypeptide(L)'
_entity_poly.pdbx_seq_one_letter_code
;MSRPLSDQEKRKQISVRGLAGVENVTELKKNFNRHLHFTLVKDRNVATPRDYYFALAHTVRDHLVGRWIRTQQHYYEKDP
KRIYYLSLEFYMGRTLQNTMVNLALENACDEATYQLGLDMEELEEIEEDAGLGNGGLGRLAACFLDSMATLGLAAYGYGI
RYEFGIFNQKICGGWQMEEADDWLRYGNPWEKARPEFTLPVHFYGRVEHTSQGAKWVDTQVVLAMPYDTPVPGYRNNVVN
TMRLWSAKAPNDFNLKDFNVGGYIQAVLDRNLAENISRVLYPNDNFFEGKELRLKQEYFVVAATLQDIIRRFKSSKFGCR
DPVRTNFDAFPDKVAIQLNDTHPSLAIPELMRVLVDLERLDWDKAWEVTVKTCAYTNHTVLPEALERWPVHLLETLLPRH
LQIIYEINQRFLNRVAAAFPGDVDRLRRMSLVEEGAVKRINMAHLCIAGSHAVNGVARIHSEILKKTIFKDFYELEPHKF
QNKTNGITPRRWLVLCNPGLAEIIAERIGEEYISDLDQLRKLLSYVDDEAFIRDVAKVKQENKLKFAAYLEREYKVHINP
NSLFDVQVKRIHEYKRQLLNCLHVITLYNRIKKEPNKFVVPRTVMIGGKAAPGYHMAKMIIKLITAIGDVVNHDPVVGDR
LRVIFLENYRVSLAEKVIPAADLSEQISTAGTEASGTGNMKFMLNGALTIGTMDGANVEMAEEAGEENFFIFGMRVEDVD
RLDQRGYNAQEYYDRIPELRQIIEQLSSGFFSPKQPDLFKDIVNMLMHHDRFKVFADYEEYVKCQERVSALYKNPREWTR
MVIRNIATSGKFSSDRTIAQYAREIWGVEPSRQRLPAPDEKIP
;
_entity_poly.pdbx_strand_id   A
#
loop_
_chem_comp.id
_chem_comp.type
_chem_comp.name
_chem_comp.formula
7LS non-polymer 2-[[1-[(2~{R},3~{R},4~{S},5~{S},6~{R})-6-(hydroxymethyl)-3,4,5-tris(oxidanyl)oxan-2-yl]-2-oxidanylidene-pyrimidin-4-yl]amino]-10~{H}-acridin-9-one 'C23 H22 N4 O7'
PLP non-polymer PYRIDOXAL-5'-PHOSPHATE 'C8 H10 N O6 P'
#
# COMPACT_ATOMS: atom_id res chain seq x y z
N GLN A 13 8.06 -25.46 -17.44
CA GLN A 13 6.78 -25.39 -18.19
C GLN A 13 6.74 -24.17 -19.12
N ILE A 14 6.89 -22.98 -18.55
CA ILE A 14 6.92 -21.73 -19.31
C ILE A 14 8.26 -20.99 -19.13
N SER A 15 8.70 -20.33 -20.18
CA SER A 15 10.08 -19.80 -20.26
C SER A 15 10.41 -18.72 -19.22
N VAL A 16 9.46 -17.84 -18.92
CA VAL A 16 9.69 -16.75 -17.95
C VAL A 16 9.97 -17.26 -16.53
N ARG A 17 9.54 -18.49 -16.23
CA ARG A 17 9.79 -19.11 -14.93
C ARG A 17 11.19 -19.75 -14.78
N GLY A 18 12.03 -19.60 -15.81
CA GLY A 18 13.44 -19.99 -15.71
C GLY A 18 13.73 -21.44 -16.08
N LEU A 19 14.98 -21.84 -15.91
CA LEU A 19 15.45 -23.18 -16.29
C LEU A 19 15.28 -24.21 -15.17
N ALA A 20 14.99 -25.45 -15.56
CA ALA A 20 14.97 -26.58 -14.63
C ALA A 20 16.15 -27.50 -14.94
N GLY A 21 17.35 -27.03 -14.60
CA GLY A 21 18.58 -27.80 -14.83
C GLY A 21 18.62 -29.08 -14.02
N VAL A 22 19.20 -30.14 -14.60
CA VAL A 22 19.23 -31.47 -13.97
C VAL A 22 19.93 -31.43 -12.61
N GLU A 23 21.06 -30.73 -12.55
CA GLU A 23 21.83 -30.62 -11.31
C GLU A 23 21.10 -29.80 -10.24
N ASN A 24 20.51 -28.68 -10.64
CA ASN A 24 19.76 -27.83 -9.71
C ASN A 24 18.56 -28.55 -9.11
N VAL A 25 17.82 -29.28 -9.93
CA VAL A 25 16.66 -30.04 -9.48
C VAL A 25 17.08 -31.12 -8.49
N THR A 26 18.19 -31.79 -8.79
CA THR A 26 18.76 -32.80 -7.90
C THR A 26 19.16 -32.19 -6.55
N GLU A 27 19.79 -31.02 -6.60
CA GLU A 27 20.26 -30.35 -5.38
C GLU A 27 19.11 -29.81 -4.52
N LEU A 28 18.07 -29.31 -5.16
CA LEU A 28 16.87 -28.85 -4.44
C LEU A 28 16.15 -29.99 -3.73
N LYS A 29 16.08 -31.14 -4.39
CA LYS A 29 15.41 -32.30 -3.81
C LYS A 29 16.12 -32.79 -2.54
N LYS A 30 17.44 -32.86 -2.58
CA LYS A 30 18.20 -33.33 -1.41
C LYS A 30 18.17 -32.32 -0.27
N ASN A 31 18.23 -31.03 -0.60
CA ASN A 31 18.11 -29.99 0.44
C ASN A 31 16.72 -29.92 1.06
N PHE A 32 15.69 -30.15 0.23
CA PHE A 32 14.32 -30.27 0.73
C PHE A 32 14.23 -31.41 1.75
N ASN A 33 14.76 -32.57 1.39
CA ASN A 33 14.75 -33.72 2.29
C ASN A 33 15.58 -33.47 3.55
N ARG A 34 16.70 -32.79 3.42
CA ARG A 34 17.51 -32.42 4.56
C ARG A 34 16.72 -31.56 5.55
N HIS A 35 16.03 -30.53 5.05
CA HIS A 35 15.27 -29.63 5.94
C HIS A 35 14.11 -30.35 6.60
N LEU A 36 13.42 -31.22 5.87
CA LEU A 36 12.29 -31.94 6.44
C LEU A 36 12.74 -32.78 7.64
N HIS A 37 13.93 -33.38 7.50
CA HIS A 37 14.51 -34.27 8.51
C HIS A 37 15.13 -33.46 9.65
N PHE A 38 16.13 -32.66 9.34
CA PHE A 38 16.92 -31.97 10.37
C PHE A 38 16.27 -30.70 10.91
N THR A 39 15.66 -29.91 10.03
CA THR A 39 15.09 -28.62 10.45
C THR A 39 13.71 -28.80 11.06
N LEU A 40 12.85 -29.57 10.39
CA LEU A 40 11.49 -29.75 10.87
C LEU A 40 11.33 -30.95 11.79
N VAL A 41 12.31 -31.86 11.77
CA VAL A 41 12.27 -33.07 12.63
C VAL A 41 11.00 -33.88 12.33
N LYS A 42 10.80 -34.17 11.05
CA LYS A 42 9.68 -34.97 10.57
C LYS A 42 10.21 -36.04 9.63
N ASP A 43 9.42 -37.09 9.44
CA ASP A 43 9.65 -38.06 8.36
C ASP A 43 8.45 -38.00 7.43
N ARG A 44 8.62 -38.54 6.23
CA ARG A 44 7.59 -38.43 5.18
C ARG A 44 6.27 -39.13 5.53
N ASN A 45 6.29 -40.03 6.51
CA ASN A 45 5.08 -40.76 6.91
C ASN A 45 4.10 -39.91 7.73
N VAL A 46 4.62 -38.91 8.45
CA VAL A 46 3.78 -38.07 9.32
C VAL A 46 3.76 -36.59 8.91
N ALA A 47 4.37 -36.26 7.79
CA ALA A 47 4.46 -34.88 7.33
C ALA A 47 3.14 -34.41 6.72
N THR A 48 2.75 -33.17 7.03
CA THR A 48 1.56 -32.54 6.46
C THR A 48 1.97 -31.59 5.34
N PRO A 49 1.00 -31.09 4.56
CA PRO A 49 1.32 -30.07 3.57
C PRO A 49 2.07 -28.86 4.16
N ARG A 50 1.73 -28.46 5.39
CA ARG A 50 2.41 -27.33 6.04
C ARG A 50 3.89 -27.63 6.24
N ASP A 51 4.21 -28.85 6.63
CA ASP A 51 5.60 -29.26 6.81
C ASP A 51 6.35 -29.16 5.48
N TYR A 52 5.70 -29.61 4.41
CA TYR A 52 6.28 -29.55 3.09
C TYR A 52 6.50 -28.11 2.64
N TYR A 53 5.54 -27.24 2.93
CA TYR A 53 5.73 -25.81 2.67
C TYR A 53 7.00 -25.30 3.36
N PHE A 54 7.14 -25.58 4.66
CA PHE A 54 8.30 -25.09 5.39
C PHE A 54 9.61 -25.66 4.88
N ALA A 55 9.61 -26.94 4.49
CA ALA A 55 10.81 -27.54 3.92
C ALA A 55 11.24 -26.80 2.66
N LEU A 56 10.26 -26.46 1.81
CA LEU A 56 10.54 -25.70 0.58
C LEU A 56 11.04 -24.30 0.90
N ALA A 57 10.37 -23.63 1.85
CA ALA A 57 10.76 -22.27 2.23
C ALA A 57 12.20 -22.19 2.72
N HIS A 58 12.58 -23.12 3.59
CA HIS A 58 13.95 -23.17 4.08
C HIS A 58 14.96 -23.48 2.96
N THR A 59 14.57 -24.33 2.03
CA THR A 59 15.41 -24.67 0.89
C THR A 59 15.66 -23.44 0.01
N VAL A 60 14.59 -22.69 -0.26
CA VAL A 60 14.71 -21.46 -1.06
C VAL A 60 15.47 -20.39 -0.29
N ARG A 61 15.18 -20.28 1.00
CA ARG A 61 15.88 -19.34 1.88
C ARG A 61 17.40 -19.52 1.83
N ASP A 62 17.86 -20.77 1.80
CA ASP A 62 19.30 -21.07 1.71
C ASP A 62 19.97 -20.40 0.51
N HIS A 63 19.25 -20.31 -0.61
CA HIS A 63 19.80 -19.66 -1.81
C HIS A 63 19.92 -18.14 -1.69
N LEU A 64 19.23 -17.56 -0.72
CA LEU A 64 19.33 -16.11 -0.46
C LEU A 64 20.57 -15.73 0.34
N VAL A 65 21.00 -16.59 1.27
CA VAL A 65 21.92 -16.15 2.33
C VAL A 65 23.30 -15.78 1.79
N GLY A 66 23.82 -16.54 0.83
CA GLY A 66 25.10 -16.23 0.22
C GLY A 66 25.08 -14.86 -0.41
N ARG A 67 24.03 -14.60 -1.20
CA ARG A 67 23.85 -13.31 -1.86
C ARG A 67 23.60 -12.20 -0.83
N TRP A 68 22.88 -12.53 0.24
CA TRP A 68 22.59 -11.56 1.30
C TRP A 68 23.86 -11.11 2.04
N ILE A 69 24.67 -12.07 2.47
CA ILE A 69 25.94 -11.75 3.13
C ILE A 69 26.87 -10.99 2.18
N ARG A 70 26.92 -11.43 0.93
CA ARG A 70 27.80 -10.83 -0.07
C ARG A 70 27.39 -9.39 -0.40
N THR A 71 26.08 -9.15 -0.50
CA THR A 71 25.57 -7.81 -0.77
C THR A 71 25.97 -6.83 0.34
N GLN A 72 25.73 -7.22 1.59
CA GLN A 72 26.01 -6.33 2.72
C GLN A 72 27.51 -6.10 2.90
N GLN A 73 28.31 -7.12 2.61
CA GLN A 73 29.78 -6.99 2.59
C GLN A 73 30.22 -6.00 1.50
N HIS A 74 29.61 -6.12 0.33
CA HIS A 74 29.86 -5.21 -0.79
C HIS A 74 29.60 -3.74 -0.41
N TYR A 75 28.49 -3.47 0.28
CA TYR A 75 28.18 -2.11 0.73
C TYR A 75 29.18 -1.60 1.76
N TYR A 76 29.64 -2.48 2.65
CA TYR A 76 30.64 -2.10 3.65
C TYR A 76 31.96 -1.69 3.00
N GLU A 77 32.35 -2.39 1.93
CA GLU A 77 33.63 -2.13 1.26
C GLU A 77 33.58 -0.89 0.37
N LYS A 78 32.53 -0.78 -0.46
CA LYS A 78 32.39 0.35 -1.38
C LYS A 78 31.82 1.61 -0.73
N ASP A 79 31.16 1.44 0.41
CA ASP A 79 30.58 2.55 1.18
C ASP A 79 29.78 3.56 0.34
N PRO A 80 28.76 3.09 -0.37
CA PRO A 80 27.91 4.00 -1.13
C PRO A 80 27.00 4.79 -0.20
N LYS A 81 26.36 5.82 -0.73
CA LYS A 81 25.33 6.53 0.02
C LYS A 81 24.19 5.55 0.33
N ARG A 82 23.75 5.55 1.59
CA ARG A 82 22.73 4.60 2.05
C ARG A 82 21.37 5.28 2.07
N ILE A 83 20.35 4.57 1.60
CA ILE A 83 18.98 5.08 1.58
C ILE A 83 18.17 4.38 2.66
N TYR A 84 17.58 5.16 3.56
CA TYR A 84 16.79 4.63 4.65
C TYR A 84 15.35 5.01 4.46
N TYR A 85 14.51 4.01 4.21
CA TYR A 85 13.10 4.22 3.95
C TYR A 85 12.34 3.87 5.22
N LEU A 86 11.81 4.90 5.90
CA LEU A 86 11.16 4.73 7.19
C LEU A 86 9.66 4.69 6.99
N SER A 87 9.05 3.61 7.44
CA SER A 87 7.60 3.45 7.32
C SER A 87 7.04 2.70 8.51
N LEU A 88 5.82 3.06 8.91
CA LEU A 88 5.14 2.31 9.95
C LEU A 88 4.48 1.06 9.39
N GLU A 89 4.46 0.93 8.06
CA GLU A 89 3.80 -0.21 7.41
C GLU A 89 4.62 -0.73 6.24
N PHE A 90 4.75 -2.06 6.18
CA PHE A 90 5.28 -2.74 5.01
C PHE A 90 4.33 -3.92 4.72
N TYR A 91 3.50 -3.76 3.70
CA TYR A 91 2.44 -4.72 3.39
C TYR A 91 3.00 -5.73 2.39
N MET A 92 3.74 -6.71 2.91
CA MET A 92 4.61 -7.55 2.08
C MET A 92 3.90 -8.68 1.36
N GLY A 93 2.82 -9.20 1.97
CA GLY A 93 2.16 -10.39 1.46
C GLY A 93 3.07 -11.61 1.61
N ARG A 94 2.90 -12.59 0.75
CA ARG A 94 3.71 -13.81 0.77
C ARG A 94 5.07 -13.60 0.11
N THR A 95 6.03 -14.41 0.53
CA THR A 95 7.43 -14.26 0.14
C THR A 95 7.98 -15.40 -0.72
N LEU A 96 7.40 -16.60 -0.61
CA LEU A 96 7.99 -17.77 -1.26
C LEU A 96 8.10 -17.59 -2.78
N GLN A 97 6.97 -17.34 -3.43
CA GLN A 97 6.96 -17.24 -4.90
C GLN A 97 7.78 -16.05 -5.38
N ASN A 98 7.64 -14.92 -4.70
CA ASN A 98 8.43 -13.73 -5.04
C ASN A 98 9.92 -14.01 -5.01
N THR A 99 10.36 -14.78 -4.02
CA THR A 99 11.77 -15.12 -3.89
C THR A 99 12.21 -16.01 -5.05
N MET A 100 11.39 -17.01 -5.38
CA MET A 100 11.70 -17.91 -6.49
C MET A 100 11.78 -17.16 -7.81
N VAL A 101 10.85 -16.23 -8.03
CA VAL A 101 10.83 -15.40 -9.24
C VAL A 101 12.14 -14.60 -9.35
N ASN A 102 12.49 -13.88 -8.29
CA ASN A 102 13.68 -13.03 -8.31
C ASN A 102 15.01 -13.76 -8.38
N LEU A 103 15.03 -15.03 -7.97
CA LEU A 103 16.24 -15.86 -8.05
C LEU A 103 16.23 -16.81 -9.25
N ALA A 104 15.17 -16.76 -10.05
CA ALA A 104 15.02 -17.62 -11.25
C ALA A 104 14.91 -19.10 -10.91
N LEU A 105 14.21 -19.42 -9.82
CA LEU A 105 14.15 -20.77 -9.27
C LEU A 105 12.78 -21.43 -9.41
N GLU A 106 11.83 -20.74 -10.01
CA GLU A 106 10.44 -21.19 -9.99
C GLU A 106 10.22 -22.55 -10.71
N ASN A 107 10.71 -22.68 -11.93
CA ASN A 107 10.55 -23.94 -12.68
C ASN A 107 11.31 -25.08 -12.03
N ALA A 108 12.53 -24.81 -11.57
CA ALA A 108 13.35 -25.81 -10.88
C ALA A 108 12.66 -26.34 -9.63
N CYS A 109 12.10 -25.44 -8.82
CA CYS A 109 11.37 -25.85 -7.62
C CYS A 109 10.07 -26.59 -7.98
N ASP A 110 9.44 -26.18 -9.08
CA ASP A 110 8.24 -26.86 -9.56
C ASP A 110 8.57 -28.29 -9.96
N GLU A 111 9.68 -28.46 -10.68
CA GLU A 111 10.14 -29.78 -11.11
C GLU A 111 10.57 -30.63 -9.91
N ALA A 112 11.41 -30.05 -9.04
CA ALA A 112 11.88 -30.76 -7.84
C ALA A 112 10.74 -31.25 -6.96
N THR A 113 9.76 -30.38 -6.69
CA THR A 113 8.60 -30.77 -5.88
C THR A 113 7.70 -31.76 -6.61
N TYR A 114 7.54 -31.59 -7.92
CA TYR A 114 6.77 -32.54 -8.73
C TYR A 114 7.37 -33.96 -8.64
N GLN A 115 8.69 -34.04 -8.71
CA GLN A 115 9.39 -35.34 -8.60
C GLN A 115 9.27 -35.98 -7.22
N LEU A 116 9.03 -35.16 -6.19
CA LEU A 116 8.78 -35.66 -4.84
C LEU A 116 7.30 -35.97 -4.60
N GLY A 117 6.47 -35.79 -5.62
CA GLY A 117 5.03 -36.09 -5.52
C GLY A 117 4.22 -34.98 -4.88
N LEU A 118 4.70 -33.75 -5.00
CA LEU A 118 4.03 -32.59 -4.40
C LEU A 118 3.66 -31.56 -5.45
N ASP A 119 2.55 -30.88 -5.22
CA ASP A 119 2.10 -29.78 -6.08
C ASP A 119 2.54 -28.48 -5.42
N MET A 120 3.44 -27.76 -6.07
CA MET A 120 4.03 -26.55 -5.49
C MET A 120 3.01 -25.43 -5.26
N GLU A 121 2.01 -25.33 -6.15
CA GLU A 121 0.99 -24.29 -5.99
C GLU A 121 0.15 -24.51 -4.74
N GLU A 122 -0.09 -25.77 -4.40
CA GLU A 122 -0.77 -26.14 -3.16
C GLU A 122 0.05 -25.70 -1.94
N LEU A 123 1.36 -25.89 -2.00
CA LEU A 123 2.24 -25.52 -0.89
C LEU A 123 2.32 -23.99 -0.72
N GLU A 124 2.29 -23.26 -1.84
CA GLU A 124 2.32 -21.79 -1.81
C GLU A 124 1.12 -21.20 -1.06
N GLU A 125 -0.03 -21.86 -1.16
CA GLU A 125 -1.26 -21.40 -0.52
C GLU A 125 -1.28 -21.54 1.00
N ILE A 126 -0.31 -22.28 1.56
CA ILE A 126 -0.19 -22.44 3.00
C ILE A 126 0.45 -21.22 3.68
N GLU A 127 1.30 -20.50 2.97
CA GLU A 127 2.01 -19.35 3.56
C GLU A 127 1.05 -18.24 3.99
N GLU A 128 1.25 -17.70 5.18
CA GLU A 128 0.47 -16.56 5.65
C GLU A 128 0.97 -15.29 4.97
N ASP A 129 0.07 -14.37 4.65
CA ASP A 129 0.51 -13.02 4.28
C ASP A 129 1.23 -12.37 5.44
N ALA A 130 2.33 -11.69 5.16
CA ALA A 130 2.88 -10.74 6.12
C ALA A 130 2.08 -9.46 5.94
N GLY A 131 1.00 -9.35 6.71
CA GLY A 131 0.06 -8.24 6.57
C GLY A 131 0.38 -7.07 7.47
N LEU A 132 1.61 -6.56 7.37
CA LEU A 132 2.05 -5.47 8.23
C LEU A 132 1.70 -4.10 7.64
N GLY A 133 0.52 -4.02 7.03
CA GLY A 133 0.01 -2.77 6.49
C GLY A 133 -1.48 -2.82 6.25
N ASN A 134 -2.05 -1.66 5.93
CA ASN A 134 -3.50 -1.49 5.78
C ASN A 134 -3.97 -1.50 4.34
N GLY A 135 -3.16 -0.96 3.45
CA GLY A 135 -3.56 -0.78 2.07
C GLY A 135 -2.47 -0.14 1.25
N GLY A 136 -2.81 0.96 0.58
CA GLY A 136 -1.97 1.57 -0.46
C GLY A 136 -0.62 2.04 0.02
N LEU A 137 -0.60 2.77 1.14
CA LEU A 137 0.64 3.29 1.69
C LEU A 137 1.61 2.17 2.07
N GLY A 138 1.07 1.15 2.73
CA GLY A 138 1.86 0.00 3.16
C GLY A 138 2.34 -0.84 2.00
N ARG A 139 1.51 -1.00 0.98
CA ARG A 139 1.88 -1.80 -0.19
C ARG A 139 2.88 -1.06 -1.07
N LEU A 140 2.75 0.27 -1.16
CA LEU A 140 3.74 1.08 -1.87
C LEU A 140 5.13 0.86 -1.31
N ALA A 141 5.24 0.87 0.03
CA ALA A 141 6.51 0.61 0.68
C ALA A 141 7.09 -0.73 0.25
N ALA A 142 6.26 -1.75 0.15
CA ALA A 142 6.71 -3.08 -0.27
C ALA A 142 7.21 -3.09 -1.72
N CYS A 143 6.43 -2.48 -2.61
CA CYS A 143 6.83 -2.35 -4.02
C CYS A 143 8.15 -1.60 -4.15
N PHE A 144 8.30 -0.54 -3.36
CA PHE A 144 9.51 0.27 -3.36
C PHE A 144 10.74 -0.51 -2.93
N LEU A 145 10.62 -1.36 -1.91
CA LEU A 145 11.76 -2.19 -1.50
C LEU A 145 12.22 -3.10 -2.65
N ASP A 146 11.26 -3.70 -3.34
CA ASP A 146 11.55 -4.58 -4.48
C ASP A 146 12.31 -3.82 -5.58
N SER A 147 11.81 -2.63 -5.92
CA SER A 147 12.45 -1.81 -6.95
C SER A 147 13.83 -1.29 -6.54
N MET A 148 14.00 -0.92 -5.27
CA MET A 148 15.30 -0.45 -4.81
C MET A 148 16.39 -1.54 -4.92
N ALA A 149 16.00 -2.78 -4.62
CA ALA A 149 16.91 -3.93 -4.75
C ALA A 149 17.20 -4.23 -6.22
N THR A 150 16.16 -4.16 -7.04
CA THR A 150 16.29 -4.43 -8.49
C THR A 150 17.17 -3.38 -9.18
N LEU A 151 17.16 -2.16 -8.65
CA LEU A 151 18.01 -1.07 -9.16
C LEU A 151 19.35 -0.91 -8.45
N GLY A 152 19.71 -1.87 -7.59
CA GLY A 152 21.03 -1.91 -6.98
C GLY A 152 21.35 -0.79 -6.03
N LEU A 153 20.33 -0.23 -5.39
CA LEU A 153 20.52 0.83 -4.39
C LEU A 153 20.83 0.21 -3.04
N ALA A 154 21.76 0.81 -2.31
CA ALA A 154 22.07 0.39 -0.94
C ALA A 154 20.97 0.89 -0.02
N ALA A 155 19.86 0.16 -0.02
CA ALA A 155 18.62 0.63 0.60
C ALA A 155 18.19 -0.27 1.74
N TYR A 156 17.66 0.35 2.78
CA TYR A 156 17.19 -0.37 3.97
C TYR A 156 15.79 0.11 4.30
N GLY A 157 14.87 -0.84 4.45
CA GLY A 157 13.53 -0.54 4.94
C GLY A 157 13.55 -0.73 6.44
N TYR A 158 13.04 0.26 7.18
CA TYR A 158 12.98 0.20 8.64
C TYR A 158 11.55 0.40 9.10
N GLY A 159 11.06 -0.51 9.93
CA GLY A 159 9.70 -0.42 10.46
C GLY A 159 9.56 -1.16 11.78
N ILE A 160 8.32 -1.58 12.07
CA ILE A 160 7.99 -2.32 13.29
C ILE A 160 7.53 -3.73 12.95
N ARG A 161 8.00 -4.68 13.72
CA ARG A 161 7.57 -6.07 13.60
C ARG A 161 6.32 -6.25 14.45
N TYR A 162 5.17 -5.98 13.88
CA TYR A 162 3.91 -6.16 14.61
C TYR A 162 3.70 -7.64 14.82
N GLU A 163 3.31 -8.01 16.03
CA GLU A 163 2.98 -9.39 16.33
C GLU A 163 1.67 -9.77 15.66
N PHE A 164 0.75 -8.80 15.56
CA PHE A 164 -0.51 -8.97 14.87
C PHE A 164 -0.66 -7.90 13.79
N GLY A 165 -0.79 -8.35 12.54
CA GLY A 165 -0.94 -7.46 11.41
C GLY A 165 -2.38 -7.05 11.24
N ILE A 166 -2.76 -6.68 10.02
CA ILE A 166 -4.13 -6.29 9.75
C ILE A 166 -5.05 -7.48 10.03
N PHE A 167 -6.15 -7.22 10.73
CA PHE A 167 -7.07 -8.28 11.15
C PHE A 167 -7.61 -9.11 9.98
N ASN A 168 -7.92 -10.37 10.24
CA ASN A 168 -8.65 -11.19 9.29
C ASN A 168 -10.14 -10.82 9.35
N GLN A 169 -10.73 -10.55 8.18
CA GLN A 169 -12.12 -10.16 8.09
C GLN A 169 -13.02 -11.36 7.84
N LYS A 170 -14.00 -11.57 8.73
CA LYS A 170 -15.06 -12.55 8.52
C LYS A 170 -16.37 -11.81 8.29
N ILE A 171 -17.23 -12.34 7.42
CA ILE A 171 -18.56 -11.79 7.21
C ILE A 171 -19.59 -12.72 7.88
N CYS A 172 -20.29 -12.19 8.87
CA CYS A 172 -21.30 -12.94 9.63
C CYS A 172 -22.62 -12.20 9.56
N GLY A 173 -23.61 -12.82 8.90
CA GLY A 173 -24.90 -12.19 8.69
C GLY A 173 -24.80 -10.90 7.90
N GLY A 174 -23.83 -10.84 6.98
CA GLY A 174 -23.59 -9.63 6.18
C GLY A 174 -22.75 -8.56 6.85
N TRP A 175 -22.34 -8.77 8.11
CA TRP A 175 -21.58 -7.79 8.88
C TRP A 175 -20.11 -8.18 9.00
N GLN A 176 -19.22 -7.20 8.94
CA GLN A 176 -17.80 -7.47 9.18
C GLN A 176 -17.56 -7.84 10.64
N MET A 177 -16.84 -8.93 10.86
CA MET A 177 -16.27 -9.28 12.16
C MET A 177 -14.75 -9.30 12.02
N GLU A 178 -14.04 -8.90 13.07
CA GLU A 178 -12.58 -8.90 13.06
C GLU A 178 -12.03 -10.07 13.87
N GLU A 179 -11.01 -10.71 13.32
CA GLU A 179 -10.24 -11.73 14.05
C GLU A 179 -8.78 -11.36 14.01
N ALA A 180 -8.09 -11.60 15.11
CA ALA A 180 -6.66 -11.36 15.20
C ALA A 180 -5.90 -12.16 14.14
N ASP A 181 -4.92 -11.50 13.52
CA ASP A 181 -4.07 -12.10 12.50
C ASP A 181 -2.78 -12.59 13.19
N ASP A 182 -2.82 -13.82 13.69
CA ASP A 182 -1.70 -14.40 14.41
C ASP A 182 -0.71 -15.00 13.40
N TRP A 183 -0.13 -14.12 12.59
CA TRP A 183 0.66 -14.53 11.43
C TRP A 183 1.97 -15.25 11.78
N LEU A 184 2.45 -15.10 13.01
CA LEU A 184 3.70 -15.74 13.45
C LEU A 184 3.49 -17.08 14.15
N ARG A 185 2.24 -17.56 14.20
CA ARG A 185 1.90 -18.77 14.96
C ARG A 185 2.78 -19.97 14.63
N TYR A 186 2.99 -20.21 13.33
CA TYR A 186 3.78 -21.36 12.87
C TYR A 186 5.24 -21.01 12.60
N GLY A 187 5.65 -19.78 12.93
CA GLY A 187 7.00 -19.31 12.66
C GLY A 187 7.10 -18.56 11.34
N ASN A 188 8.13 -17.74 11.23
CA ASN A 188 8.42 -16.99 10.01
C ASN A 188 9.81 -17.38 9.54
N PRO A 189 9.91 -18.23 8.51
CA PRO A 189 11.23 -18.70 8.08
C PRO A 189 12.09 -17.62 7.42
N TRP A 190 11.48 -16.52 7.00
CA TRP A 190 12.18 -15.50 6.22
C TRP A 190 12.99 -14.55 7.08
N GLU A 191 12.57 -14.33 8.32
CA GLU A 191 13.25 -13.38 9.19
C GLU A 191 14.44 -14.00 9.91
N LYS A 192 15.38 -13.17 10.31
CA LYS A 192 16.45 -13.57 11.21
C LYS A 192 16.52 -12.60 12.38
N ALA A 193 16.23 -13.10 13.58
CA ALA A 193 16.37 -12.29 14.80
C ALA A 193 17.83 -11.91 14.98
N ARG A 194 18.05 -10.66 15.38
CA ARG A 194 19.39 -10.17 15.67
C ARG A 194 19.43 -9.56 17.07
N PRO A 195 19.20 -10.38 18.11
CA PRO A 195 19.19 -9.88 19.50
C PRO A 195 20.47 -9.16 19.92
N GLU A 196 21.59 -9.52 19.30
CA GLU A 196 22.88 -8.89 19.57
C GLU A 196 22.98 -7.41 19.16
N PHE A 197 22.06 -6.95 18.30
CA PHE A 197 22.05 -5.54 17.88
C PHE A 197 20.88 -4.77 18.51
N THR A 198 20.39 -5.27 19.65
CA THR A 198 19.33 -4.62 20.41
C THR A 198 19.78 -3.24 20.92
N LEU A 199 18.87 -2.27 20.88
CA LEU A 199 19.18 -0.88 21.22
C LEU A 199 18.12 -0.32 22.16
N PRO A 200 18.52 0.62 23.04
CA PRO A 200 17.57 1.22 23.97
C PRO A 200 16.80 2.40 23.38
N VAL A 201 15.53 2.51 23.75
CA VAL A 201 14.68 3.65 23.39
C VAL A 201 14.10 4.24 24.67
N HIS A 202 14.13 5.57 24.77
CA HIS A 202 13.72 6.28 25.98
C HIS A 202 12.36 6.96 25.86
N PHE A 203 11.60 6.95 26.96
CA PHE A 203 10.29 7.58 27.03
C PHE A 203 10.14 8.33 28.35
N TYR A 204 9.24 9.30 28.35
CA TYR A 204 8.89 10.09 29.55
C TYR A 204 10.10 10.87 30.07
N GLY A 205 10.30 10.90 31.38
CA GLY A 205 11.41 11.63 31.97
C GLY A 205 11.20 13.14 31.97
N ARG A 206 12.31 13.86 32.06
CA ARG A 206 12.28 15.31 32.13
C ARG A 206 13.60 15.88 31.61
N VAL A 207 13.62 17.17 31.32
CA VAL A 207 14.79 17.83 30.77
C VAL A 207 15.44 18.70 31.84
N GLU A 208 16.74 18.52 32.05
CA GLU A 208 17.49 19.44 32.91
C GLU A 208 18.60 20.11 32.11
N HIS A 209 18.90 21.36 32.47
CA HIS A 209 19.88 22.16 31.77
C HIS A 209 21.13 22.34 32.61
N THR A 210 22.28 22.30 31.94
CA THR A 210 23.59 22.38 32.62
C THR A 210 24.50 23.36 31.89
N SER A 211 25.72 23.50 32.39
CA SER A 211 26.74 24.30 31.72
C SER A 211 27.06 23.74 30.32
N GLN A 212 27.02 22.42 30.20
CA GLN A 212 27.25 21.75 28.92
C GLN A 212 26.08 21.96 27.97
N GLY A 213 24.88 21.60 28.43
CA GLY A 213 23.67 21.76 27.64
C GLY A 213 22.48 21.03 28.24
N ALA A 214 21.50 20.70 27.42
CA ALA A 214 20.31 19.99 27.89
C ALA A 214 20.60 18.50 28.04
N LYS A 215 19.94 17.89 29.03
CA LYS A 215 20.04 16.45 29.26
C LYS A 215 18.66 15.88 29.56
N TRP A 216 18.36 14.75 28.92
CA TRP A 216 17.08 14.09 29.09
C TRP A 216 17.28 12.94 30.06
N VAL A 217 16.71 13.08 31.26
CA VAL A 217 16.99 12.17 32.38
C VAL A 217 15.72 11.58 32.95
N ASP A 218 15.90 10.57 33.81
CA ASP A 218 14.81 9.87 34.52
C ASP A 218 13.81 9.22 33.57
N THR A 219 14.32 8.71 32.45
CA THR A 219 13.46 8.10 31.44
C THR A 219 13.17 6.64 31.74
N GLN A 220 12.11 6.13 31.12
CA GLN A 220 11.82 4.70 31.07
C GLN A 220 12.46 4.17 29.80
N VAL A 221 13.07 2.99 29.88
CA VAL A 221 13.77 2.37 28.75
C VAL A 221 12.96 1.21 28.21
N VAL A 222 12.78 1.17 26.90
CA VAL A 222 12.27 -0.02 26.20
C VAL A 222 13.36 -0.44 25.20
N LEU A 223 13.62 -1.74 25.11
CA LEU A 223 14.63 -2.23 24.17
C LEU A 223 14.00 -2.47 22.80
N ALA A 224 14.76 -2.16 21.76
CA ALA A 224 14.34 -2.42 20.39
C ALA A 224 15.23 -3.52 19.83
N MET A 225 14.63 -4.70 19.61
CA MET A 225 15.34 -5.84 19.06
C MET A 225 15.03 -5.96 17.58
N PRO A 226 16.06 -5.98 16.72
CA PRO A 226 15.79 -6.04 15.29
C PRO A 226 15.63 -7.46 14.75
N TYR A 227 14.75 -7.60 13.78
CA TYR A 227 14.62 -8.81 12.97
C TYR A 227 14.85 -8.40 11.53
N ASP A 228 15.72 -9.12 10.83
CA ASP A 228 16.10 -8.78 9.47
C ASP A 228 15.48 -9.73 8.46
N THR A 229 14.91 -9.19 7.39
CA THR A 229 14.29 -9.98 6.34
C THR A 229 14.98 -9.61 5.03
N PRO A 230 15.35 -10.62 4.22
CA PRO A 230 15.99 -10.33 2.94
C PRO A 230 15.01 -9.82 1.90
N VAL A 231 15.49 -8.92 1.05
CA VAL A 231 14.72 -8.34 -0.03
C VAL A 231 15.53 -8.52 -1.32
N PRO A 232 15.23 -9.59 -2.08
CA PRO A 232 16.01 -9.86 -3.29
C PRO A 232 15.62 -8.98 -4.47
N GLY A 233 16.62 -8.52 -5.22
CA GLY A 233 16.39 -7.82 -6.49
C GLY A 233 16.11 -8.83 -7.59
N TYR A 234 15.63 -8.35 -8.73
CA TYR A 234 15.28 -9.25 -9.83
C TYR A 234 16.52 -9.71 -10.59
N ARG A 235 16.93 -10.94 -10.29
CA ARG A 235 17.99 -11.64 -11.03
C ARG A 235 19.29 -10.83 -11.18
N ASN A 236 19.63 -10.07 -10.15
CA ASN A 236 20.86 -9.29 -10.11
C ASN A 236 21.77 -9.66 -8.92
N ASN A 237 21.36 -10.70 -8.19
CA ASN A 237 22.08 -11.17 -6.99
C ASN A 237 22.24 -10.12 -5.88
N VAL A 238 21.39 -9.10 -5.90
CA VAL A 238 21.37 -8.10 -4.85
C VAL A 238 20.31 -8.56 -3.84
N VAL A 239 20.68 -8.55 -2.57
CA VAL A 239 19.72 -8.84 -1.50
C VAL A 239 19.91 -7.78 -0.43
N ASN A 240 18.91 -6.91 -0.33
CA ASN A 240 18.90 -5.83 0.64
C ASN A 240 18.17 -6.30 1.89
N THR A 241 18.10 -5.43 2.90
CA THR A 241 17.53 -5.80 4.19
C THR A 241 16.33 -4.93 4.54
N MET A 242 15.29 -5.57 5.05
CA MET A 242 14.22 -4.88 5.77
C MET A 242 14.42 -5.20 7.24
N ARG A 243 14.67 -4.18 8.05
CA ARG A 243 14.89 -4.38 9.49
C ARG A 243 13.66 -3.89 10.25
N LEU A 244 13.01 -4.79 10.99
CA LEU A 244 11.80 -4.47 11.73
C LEU A 244 12.10 -4.63 13.23
N TRP A 245 11.74 -3.61 14.01
CA TRP A 245 12.03 -3.59 15.44
C TRP A 245 10.90 -4.22 16.24
N SER A 246 11.29 -4.97 17.27
CA SER A 246 10.37 -5.60 18.21
C SER A 246 10.68 -5.06 19.61
N ALA A 247 9.63 -4.76 20.38
CA ALA A 247 9.80 -4.14 21.70
C ALA A 247 10.04 -5.20 22.77
N LYS A 248 11.07 -4.99 23.59
CA LYS A 248 11.39 -5.89 24.70
C LYS A 248 11.60 -5.08 25.98
N ALA A 249 11.17 -5.61 27.11
CA ALA A 249 11.42 -4.94 28.39
C ALA A 249 12.85 -5.23 28.86
N PRO A 250 13.50 -4.24 29.51
CA PRO A 250 14.80 -4.54 30.12
C PRO A 250 14.65 -5.52 31.30
N ASN A 251 15.71 -6.25 31.64
CA ASN A 251 15.62 -7.35 32.63
C ASN A 251 15.44 -6.89 34.09
N ASP A 252 15.76 -5.63 34.36
CA ASP A 252 15.52 -5.04 35.69
C ASP A 252 14.19 -4.28 35.70
N GLY A 262 4.76 -6.98 43.92
CA GLY A 262 5.69 -8.07 44.20
C GLY A 262 6.41 -8.58 42.97
N TYR A 263 7.28 -9.57 43.16
CA TYR A 263 8.14 -10.11 42.09
C TYR A 263 7.35 -10.59 40.88
N ILE A 264 6.32 -11.41 41.13
CA ILE A 264 5.51 -11.99 40.05
C ILE A 264 4.85 -10.90 39.21
N GLN A 265 4.21 -9.93 39.86
CA GLN A 265 3.53 -8.86 39.14
C GLN A 265 4.50 -8.03 38.30
N ALA A 266 5.72 -7.81 38.80
CA ALA A 266 6.76 -7.08 38.06
C ALA A 266 7.14 -7.78 36.75
N VAL A 267 7.24 -9.10 36.80
CA VAL A 267 7.53 -9.87 35.59
C VAL A 267 6.33 -9.83 34.64
N LEU A 268 5.12 -9.96 35.16
CA LEU A 268 3.91 -9.90 34.34
C LEU A 268 3.74 -8.53 33.67
N ASP A 269 4.18 -7.48 34.36
CA ASP A 269 4.05 -6.11 33.86
C ASP A 269 5.02 -5.76 32.73
N ARG A 270 5.89 -6.68 32.37
CA ARG A 270 6.75 -6.50 31.20
C ARG A 270 5.92 -6.32 29.91
N ASN A 271 4.70 -6.84 29.91
CA ASN A 271 3.79 -6.71 28.76
CA ASN A 271 3.79 -6.70 28.77
C ASN A 271 3.51 -5.25 28.41
N LEU A 272 3.52 -4.37 29.41
CA LEU A 272 3.28 -2.94 29.19
C LEU A 272 4.26 -2.37 28.17
N ALA A 273 5.55 -2.62 28.37
CA ALA A 273 6.59 -2.18 27.44
C ALA A 273 6.47 -2.87 26.09
N GLU A 274 6.20 -4.18 26.13
CA GLU A 274 6.24 -5.00 24.93
C GLU A 274 5.00 -4.81 24.04
N ASN A 275 3.95 -4.17 24.57
CA ASN A 275 2.77 -3.84 23.78
C ASN A 275 3.02 -2.86 22.64
N ILE A 276 4.13 -2.14 22.68
CA ILE A 276 4.46 -1.18 21.63
C ILE A 276 4.43 -1.85 20.24
N SER A 277 4.99 -3.06 20.13
CA SER A 277 5.05 -3.77 18.84
C SER A 277 3.99 -4.86 18.70
N ARG A 278 2.93 -4.82 19.51
CA ARG A 278 1.97 -5.92 19.52
C ARG A 278 1.06 -5.91 18.31
N VAL A 279 0.54 -4.75 17.94
CA VAL A 279 -0.53 -4.72 16.95
C VAL A 279 -0.48 -3.50 16.02
N LEU A 280 -0.74 -3.74 14.74
CA LEU A 280 -0.89 -2.69 13.75
C LEU A 280 -2.22 -1.99 13.96
N TYR A 281 -2.19 -0.66 14.10
CA TYR A 281 -3.43 0.10 14.10
C TYR A 281 -4.09 -0.02 12.72
N PRO A 282 -5.35 -0.49 12.67
CA PRO A 282 -6.00 -0.82 11.40
C PRO A 282 -6.70 0.36 10.71
N ASN A 283 -6.17 1.57 10.87
CA ASN A 283 -6.70 2.74 10.20
C ASN A 283 -6.07 2.93 8.84
N ASP A 284 -6.92 3.29 7.87
CA ASP A 284 -6.50 3.55 6.51
C ASP A 284 -6.93 4.98 6.21
N ASN A 285 -5.97 5.82 5.84
CA ASN A 285 -6.26 7.21 5.47
C ASN A 285 -7.13 7.91 6.51
N PHE A 286 -6.79 7.74 7.78
CA PHE A 286 -7.54 8.34 8.89
C PHE A 286 -6.67 8.41 10.14
N PHE A 287 -6.64 9.57 10.78
CA PHE A 287 -5.80 9.79 11.96
C PHE A 287 -6.59 9.71 13.26
N GLU A 288 -6.05 8.95 14.22
CA GLU A 288 -6.52 8.94 15.62
C GLU A 288 -5.33 9.19 16.53
N GLY A 289 -5.44 10.19 17.41
CA GLY A 289 -4.34 10.57 18.29
C GLY A 289 -4.24 9.73 19.55
N LYS A 290 -3.84 8.48 19.42
CA LYS A 290 -3.70 7.59 20.57
C LYS A 290 -2.24 7.49 21.03
N GLU A 291 -2.03 7.48 22.34
CA GLU A 291 -0.69 7.48 22.91
C GLU A 291 0.15 6.29 22.44
N LEU A 292 -0.45 5.10 22.40
CA LEU A 292 0.29 3.92 21.99
C LEU A 292 0.84 4.09 20.57
N ARG A 293 0.09 4.74 19.69
CA ARG A 293 0.54 4.98 18.32
C ARG A 293 1.74 5.93 18.31
N LEU A 294 1.69 6.96 19.16
CA LEU A 294 2.83 7.88 19.26
C LEU A 294 4.07 7.15 19.77
N LYS A 295 3.89 6.22 20.71
CA LYS A 295 5.01 5.41 21.18
C LYS A 295 5.58 4.57 20.05
N GLN A 296 4.71 4.00 19.22
CA GLN A 296 5.15 3.21 18.06
C GLN A 296 5.99 4.06 17.11
N GLU A 297 5.53 5.28 16.86
CA GLU A 297 6.20 6.19 15.96
C GLU A 297 7.58 6.57 16.47
N TYR A 298 7.70 6.90 17.76
CA TYR A 298 9.01 7.24 18.30
C TYR A 298 9.93 6.03 18.39
N PHE A 299 9.36 4.88 18.75
CA PHE A 299 10.08 3.61 18.85
C PHE A 299 10.86 3.31 17.57
N VAL A 300 10.17 3.32 16.43
CA VAL A 300 10.81 3.03 15.15
C VAL A 300 11.88 4.08 14.80
N VAL A 301 11.55 5.34 15.07
CA VAL A 301 12.43 6.47 14.77
C VAL A 301 13.72 6.43 15.60
N ALA A 302 13.58 6.22 16.90
CA ALA A 302 14.72 6.27 17.81
C ALA A 302 15.68 5.13 17.57
N ALA A 303 15.15 3.92 17.42
CA ALA A 303 15.99 2.75 17.17
C ALA A 303 16.69 2.85 15.82
N THR A 304 15.93 3.28 14.81
CA THR A 304 16.45 3.41 13.45
C THR A 304 17.59 4.41 13.38
N LEU A 305 17.39 5.60 13.95
CA LEU A 305 18.43 6.64 13.88
C LEU A 305 19.74 6.24 14.58
N GLN A 306 19.67 5.51 15.69
CA GLN A 306 20.88 4.99 16.34
C GLN A 306 21.63 4.05 15.41
N ASP A 307 20.86 3.22 14.72
CA ASP A 307 21.39 2.24 13.79
C ASP A 307 22.05 2.94 12.60
N ILE A 308 21.41 4.00 12.12
CA ILE A 308 21.95 4.81 11.03
C ILE A 308 23.28 5.47 11.44
N ILE A 309 23.30 6.06 12.63
CA ILE A 309 24.48 6.79 13.08
C ILE A 309 25.65 5.83 13.34
N ARG A 310 25.34 4.69 13.95
CA ARG A 310 26.33 3.64 14.18
C ARG A 310 27.00 3.21 12.88
N ARG A 311 26.18 2.95 11.86
CA ARG A 311 26.67 2.50 10.56
C ARG A 311 27.50 3.60 9.87
N PHE A 312 27.10 4.85 10.06
CA PHE A 312 27.84 6.00 9.53
C PHE A 312 29.22 6.16 10.17
N LYS A 313 29.30 6.01 11.48
CA LYS A 313 30.56 6.15 12.21
C LYS A 313 31.57 5.05 11.89
N SER A 314 31.08 3.93 11.36
CA SER A 314 31.95 2.81 10.96
C SER A 314 32.42 2.93 9.50
N SER A 315 32.33 4.11 8.91
CA SER A 315 32.79 4.34 7.54
C SER A 315 34.31 4.32 7.45
N THR A 325 33.64 11.97 13.90
CA THR A 325 33.62 13.35 14.37
C THR A 325 32.87 14.25 13.37
N ASN A 326 33.23 14.15 12.11
CA ASN A 326 32.71 15.06 11.08
C ASN A 326 31.35 14.65 10.52
N PHE A 327 30.31 15.38 10.90
CA PHE A 327 28.96 15.16 10.39
C PHE A 327 28.65 16.02 9.16
N ASP A 328 29.62 16.80 8.69
CA ASP A 328 29.45 17.54 7.43
C ASP A 328 29.14 16.59 6.28
N ALA A 329 29.72 15.39 6.31
CA ALA A 329 29.53 14.40 5.25
C ALA A 329 28.30 13.51 5.44
N PHE A 330 27.56 13.71 6.54
CA PHE A 330 26.41 12.86 6.86
C PHE A 330 25.38 12.82 5.72
N PRO A 331 24.98 13.99 5.17
CA PRO A 331 24.02 13.97 4.06
C PRO A 331 24.58 13.39 2.74
N ASP A 332 25.90 13.30 2.61
CA ASP A 332 26.50 12.66 1.44
C ASP A 332 26.48 11.14 1.54
N LYS A 333 26.30 10.62 2.76
CA LYS A 333 26.30 9.19 3.02
C LYS A 333 24.95 8.62 3.48
N VAL A 334 24.01 9.51 3.78
CA VAL A 334 22.71 9.10 4.33
C VAL A 334 21.56 9.89 3.70
N ALA A 335 20.55 9.15 3.26
CA ALA A 335 19.25 9.73 2.91
C ALA A 335 18.18 9.06 3.75
N ILE A 336 17.32 9.87 4.35
CA ILE A 336 16.18 9.36 5.12
C ILE A 336 14.90 9.80 4.44
N GLN A 337 14.11 8.83 3.98
CA GLN A 337 12.84 9.10 3.33
C GLN A 337 11.71 8.79 4.29
N LEU A 338 10.89 9.79 4.57
CA LEU A 338 9.78 9.67 5.48
C LEU A 338 8.52 9.32 4.71
N ASN A 339 8.01 8.11 4.95
CA ASN A 339 6.77 7.66 4.31
C ASN A 339 5.59 8.24 5.07
N ASP A 340 5.09 9.38 4.61
CA ASP A 340 4.05 10.15 5.31
C ASP A 340 4.69 10.79 6.55
N THR A 341 3.87 11.37 7.41
CA THR A 341 4.37 12.02 8.62
C THR A 341 4.58 11.05 9.79
N HIS A 342 4.26 9.78 9.58
CA HIS A 342 4.29 8.82 10.69
C HIS A 342 5.66 8.70 11.36
N PRO A 343 6.76 8.80 10.58
CA PRO A 343 8.09 8.82 11.17
C PRO A 343 8.70 10.23 11.26
N SER A 344 7.85 11.26 11.29
CA SER A 344 8.27 12.66 11.33
C SER A 344 9.16 13.03 12.52
N LEU A 345 9.04 12.29 13.63
CA LEU A 345 9.89 12.54 14.79
C LEU A 345 11.38 12.30 14.50
N ALA A 346 11.70 11.71 13.35
CA ALA A 346 13.09 11.62 12.89
C ALA A 346 13.78 12.98 12.85
N ILE A 347 13.01 14.02 12.49
CA ILE A 347 13.57 15.36 12.36
C ILE A 347 14.05 15.89 13.73
N PRO A 348 13.15 16.00 14.72
CA PRO A 348 13.67 16.45 16.03
C PRO A 348 14.59 15.44 16.75
N GLU A 349 14.42 14.14 16.48
CA GLU A 349 15.33 13.13 17.06
C GLU A 349 16.75 13.30 16.52
N LEU A 350 16.87 13.53 15.22
CA LEU A 350 18.18 13.75 14.62
C LEU A 350 18.81 15.01 15.22
N MET A 351 18.00 16.06 15.37
CA MET A 351 18.47 17.29 16.02
C MET A 351 18.90 17.05 17.46
N ARG A 352 18.11 16.29 18.19
CA ARG A 352 18.43 15.93 19.57
C ARG A 352 19.78 15.23 19.69
N VAL A 353 19.99 14.21 18.85
CA VAL A 353 21.24 13.46 18.87
C VAL A 353 22.41 14.36 18.50
N LEU A 354 22.27 15.13 17.42
CA LEU A 354 23.36 15.99 16.94
C LEU A 354 23.73 17.10 17.92
N VAL A 355 22.72 17.74 18.51
CA VAL A 355 22.93 18.85 19.44
C VAL A 355 23.27 18.39 20.86
N ASP A 356 22.42 17.54 21.43
CA ASP A 356 22.59 17.13 22.83
C ASP A 356 23.69 16.11 23.07
N LEU A 357 23.89 15.19 22.14
CA LEU A 357 24.84 14.09 22.35
C LEU A 357 26.16 14.31 21.61
N GLU A 358 26.09 14.74 20.35
CA GLU A 358 27.30 15.01 19.55
C GLU A 358 27.84 16.44 19.71
N ARG A 359 27.06 17.30 20.35
CA ARG A 359 27.50 18.67 20.70
C ARG A 359 27.74 19.58 19.49
N LEU A 360 27.03 19.33 18.39
CA LEU A 360 27.07 20.23 17.24
C LEU A 360 26.24 21.48 17.58
N ASP A 361 26.63 22.61 17.01
CA ASP A 361 25.83 23.82 17.16
C ASP A 361 24.54 23.65 16.37
N TRP A 362 23.50 24.36 16.80
CA TRP A 362 22.16 24.22 16.22
C TRP A 362 22.12 24.41 14.71
N ASP A 363 22.73 25.48 14.22
CA ASP A 363 22.67 25.82 12.80
C ASP A 363 23.29 24.73 11.92
N LYS A 364 24.39 24.15 12.39
CA LYS A 364 25.06 23.08 11.64
C LYS A 364 24.21 21.80 11.65
N ALA A 365 23.67 21.45 12.81
CA ALA A 365 22.79 20.29 12.94
C ALA A 365 21.57 20.41 12.05
N TRP A 366 20.98 21.60 11.99
CA TRP A 366 19.81 21.86 11.15
C TRP A 366 20.12 21.70 9.67
N GLU A 367 21.28 22.21 9.24
CA GLU A 367 21.73 22.05 7.86
C GLU A 367 21.83 20.57 7.49
N VAL A 368 22.47 19.79 8.35
CA VAL A 368 22.62 18.35 8.14
C VAL A 368 21.27 17.65 8.09
N THR A 369 20.39 18.00 9.02
CA THR A 369 19.06 17.39 9.10
C THR A 369 18.25 17.63 7.83
N VAL A 370 18.19 18.89 7.39
CA VAL A 370 17.41 19.26 6.22
C VAL A 370 17.92 18.54 4.96
N LYS A 371 19.23 18.47 4.80
CA LYS A 371 19.82 17.82 3.63
C LYS A 371 19.66 16.30 3.66
N THR A 372 19.44 15.75 4.84
CA THR A 372 19.28 14.31 5.02
C THR A 372 17.85 13.83 4.79
N CYS A 373 16.87 14.61 5.24
CA CYS A 373 15.46 14.18 5.27
C CYS A 373 14.66 14.66 4.07
N ALA A 374 13.76 13.78 3.62
CA ALA A 374 12.81 14.11 2.57
C ALA A 374 11.47 13.47 2.95
N TYR A 375 10.39 14.14 2.55
CA TYR A 375 9.05 13.81 3.03
C TYR A 375 8.11 13.55 1.86
N THR A 376 7.40 12.43 1.91
CA THR A 376 6.38 12.11 0.93
C THR A 376 4.99 12.24 1.55
N ASN A 377 4.17 13.09 0.97
CA ASN A 377 2.77 13.23 1.35
C ASN A 377 1.90 12.31 0.50
N HIS A 378 0.96 11.62 1.13
CA HIS A 378 0.12 10.63 0.45
C HIS A 378 -1.37 10.98 0.40
N THR A 379 -1.78 12.11 0.96
CA THR A 379 -3.20 12.47 0.94
C THR A 379 -3.43 13.92 1.33
N VAL A 380 -4.52 14.50 0.82
CA VAL A 380 -4.93 15.85 1.22
C VAL A 380 -6.15 15.83 2.13
N LEU A 381 -6.69 14.64 2.41
CA LEU A 381 -7.88 14.54 3.25
C LEU A 381 -7.53 15.05 4.65
N PRO A 382 -8.29 16.04 5.15
CA PRO A 382 -7.93 16.68 6.43
C PRO A 382 -7.98 15.72 7.63
N GLU A 383 -8.88 14.74 7.58
CA GLU A 383 -8.98 13.75 8.67
C GLU A 383 -7.80 12.78 8.73
N ALA A 384 -6.94 12.76 7.70
CA ALA A 384 -5.77 11.89 7.66
C ALA A 384 -4.49 12.58 8.10
N LEU A 385 -4.54 13.90 8.36
CA LEU A 385 -3.33 14.65 8.71
C LEU A 385 -3.02 14.51 10.19
N GLU A 386 -1.76 14.25 10.52
CA GLU A 386 -1.37 14.01 11.90
C GLU A 386 -1.16 15.30 12.65
N ARG A 387 -1.98 15.51 13.68
CA ARG A 387 -1.83 16.63 14.59
C ARG A 387 -1.81 16.09 16.01
N TRP A 388 -0.66 16.13 16.67
CA TRP A 388 -0.53 15.58 18.01
C TRP A 388 -0.76 16.66 19.08
N PRO A 389 -1.62 16.38 20.07
CA PRO A 389 -1.76 17.28 21.22
C PRO A 389 -0.43 17.53 21.93
N VAL A 390 -0.17 18.79 22.26
CA VAL A 390 1.06 19.19 22.94
C VAL A 390 1.26 18.49 24.27
N HIS A 391 0.18 18.36 25.06
CA HIS A 391 0.28 17.76 26.39
C HIS A 391 0.77 16.31 26.32
N LEU A 392 0.45 15.62 25.23
CA LEU A 392 0.91 14.25 25.01
C LEU A 392 2.42 14.23 24.76
N LEU A 393 2.89 15.11 23.89
CA LEU A 393 4.33 15.23 23.61
C LEU A 393 5.08 15.73 24.83
N GLU A 394 4.49 16.66 25.55
CA GLU A 394 5.10 17.21 26.76
C GLU A 394 5.40 16.12 27.77
N THR A 395 4.48 15.17 27.93
CA THR A 395 4.63 14.07 28.87
C THR A 395 5.56 12.98 28.32
N LEU A 396 5.34 12.57 27.08
CA LEU A 396 6.06 11.42 26.54
C LEU A 396 7.48 11.76 26.08
N LEU A 397 7.63 12.94 25.46
CA LEU A 397 8.86 13.29 24.74
C LEU A 397 9.20 14.76 25.00
N PRO A 398 9.45 15.11 26.27
CA PRO A 398 9.62 16.51 26.65
C PRO A 398 10.75 17.25 25.93
N ARG A 399 11.85 16.55 25.63
CA ARG A 399 12.98 17.19 24.94
C ARG A 399 12.62 17.48 23.47
N HIS A 400 11.89 16.57 22.84
CA HIS A 400 11.47 16.74 21.46
C HIS A 400 10.52 17.91 21.28
N LEU A 401 9.62 18.10 22.26
CA LEU A 401 8.73 19.26 22.24
C LEU A 401 9.51 20.57 22.26
N GLN A 402 10.51 20.65 23.14
CA GLN A 402 11.40 21.82 23.20
C GLN A 402 12.07 22.08 21.85
N ILE A 403 12.57 21.01 21.23
CA ILE A 403 13.23 21.13 19.94
C ILE A 403 12.23 21.58 18.85
N ILE A 404 11.01 21.05 18.88
CA ILE A 404 9.97 21.46 17.93
C ILE A 404 9.63 22.95 18.08
N TYR A 405 9.54 23.43 19.32
CA TYR A 405 9.29 24.86 19.56
C TYR A 405 10.39 25.74 18.98
N GLU A 406 11.64 25.31 19.16
CA GLU A 406 12.80 26.03 18.65
C GLU A 406 12.82 26.02 17.12
N ILE A 407 12.52 24.86 16.53
CA ILE A 407 12.38 24.77 15.07
C ILE A 407 11.31 25.76 14.59
N ASN A 408 10.18 25.78 15.28
CA ASN A 408 9.06 26.63 14.89
C ASN A 408 9.42 28.12 14.95
N GLN A 409 10.07 28.54 16.04
CA GLN A 409 10.46 29.95 16.21
C GLN A 409 11.40 30.40 15.10
N ARG A 410 12.42 29.60 14.81
CA ARG A 410 13.38 29.91 13.75
C ARG A 410 12.74 29.89 12.35
N PHE A 411 11.82 28.95 12.12
CA PHE A 411 11.12 28.88 10.84
C PHE A 411 10.23 30.10 10.63
N LEU A 412 9.44 30.45 11.65
CA LEU A 412 8.54 31.60 11.54
C LEU A 412 9.31 32.92 11.42
N ASN A 413 10.51 33.00 12.00
CA ASN A 413 11.37 34.18 11.77
C ASN A 413 11.76 34.31 10.30
N ARG A 414 12.00 33.20 9.62
CA ARG A 414 12.26 33.24 8.17
C ARG A 414 11.02 33.70 7.40
N VAL A 415 9.85 33.19 7.80
CA VAL A 415 8.61 33.56 7.11
C VAL A 415 8.36 35.05 7.27
N ALA A 416 8.55 35.56 8.48
CA ALA A 416 8.35 36.98 8.79
C ALA A 416 9.26 37.89 7.99
N ALA A 417 10.50 37.45 7.78
CA ALA A 417 11.45 38.22 6.98
C ALA A 417 11.09 38.21 5.50
N ALA A 418 10.53 37.11 5.01
CA ALA A 418 10.15 36.97 3.61
C ALA A 418 8.82 37.66 3.28
N PHE A 419 7.90 37.67 4.24
CA PHE A 419 6.56 38.24 4.05
C PHE A 419 6.23 39.19 5.20
N PRO A 420 6.93 40.34 5.27
CA PRO A 420 6.80 41.26 6.40
C PRO A 420 5.36 41.74 6.61
N GLY A 421 4.90 41.68 7.85
CA GLY A 421 3.57 42.16 8.21
C GLY A 421 2.44 41.19 7.95
N ASP A 422 2.73 40.05 7.32
CA ASP A 422 1.70 39.08 6.97
C ASP A 422 1.46 38.16 8.16
N VAL A 423 0.70 38.67 9.14
CA VAL A 423 0.50 37.97 10.40
C VAL A 423 -0.38 36.74 10.28
N ASP A 424 -1.33 36.74 9.34
CA ASP A 424 -2.16 35.56 9.16
C ASP A 424 -1.35 34.39 8.59
N ARG A 425 -0.42 34.70 7.69
CA ARG A 425 0.49 33.69 7.16
C ARG A 425 1.28 33.03 8.29
N LEU A 426 1.75 33.82 9.24
CA LEU A 426 2.47 33.28 10.40
C LEU A 426 1.66 32.25 11.16
N ARG A 427 0.38 32.52 11.41
CA ARG A 427 -0.45 31.55 12.12
C ARG A 427 -0.77 30.34 11.24
N ARG A 428 -0.93 30.55 9.94
CA ARG A 428 -1.21 29.46 9.01
C ARG A 428 -0.03 28.49 8.88
N MET A 429 1.19 29.01 8.91
CA MET A 429 2.39 28.21 8.65
C MET A 429 3.01 27.60 9.91
N SER A 430 2.56 28.06 11.08
CA SER A 430 3.14 27.60 12.35
C SER A 430 3.02 26.10 12.51
N LEU A 431 4.03 25.49 13.11
CA LEU A 431 3.99 24.07 13.44
C LEU A 431 3.03 23.85 14.60
N VAL A 432 2.84 24.89 15.43
CA VAL A 432 1.95 24.83 16.58
C VAL A 432 0.59 25.42 16.20
N GLU A 433 -0.46 24.61 16.34
CA GLU A 433 -1.81 25.07 16.06
C GLU A 433 -2.50 25.45 17.37
N GLU A 434 -3.06 26.66 17.41
CA GLU A 434 -3.75 27.16 18.61
C GLU A 434 -5.20 26.70 18.63
N GLY A 435 -5.85 26.89 19.78
CA GLY A 435 -7.24 26.48 19.97
C GLY A 435 -7.47 25.96 21.38
N ALA A 436 -8.58 25.25 21.57
CA ALA A 436 -8.90 24.64 22.85
C ALA A 436 -7.74 23.77 23.31
N VAL A 437 -7.31 22.86 22.43
CA VAL A 437 -6.12 22.05 22.67
C VAL A 437 -5.05 22.42 21.65
N LYS A 438 -3.88 22.80 22.14
CA LYS A 438 -2.75 23.11 21.26
C LYS A 438 -2.23 21.81 20.66
N ARG A 439 -1.93 21.83 19.36
CA ARG A 439 -1.45 20.65 18.65
C ARG A 439 -0.23 20.99 17.82
N ILE A 440 0.58 19.98 17.52
CA ILE A 440 1.68 20.12 16.57
C ILE A 440 1.23 19.54 15.23
N ASN A 441 1.36 20.32 14.17
CA ASN A 441 1.06 19.84 12.82
C ASN A 441 2.32 19.15 12.28
N MET A 442 2.27 17.84 12.16
CA MET A 442 3.46 17.08 11.80
C MET A 442 3.85 17.27 10.33
N ALA A 443 2.87 17.59 9.48
CA ALA A 443 3.15 17.87 8.08
C ALA A 443 3.97 19.14 7.95
N HIS A 444 3.61 20.16 8.72
CA HIS A 444 4.37 21.40 8.75
C HIS A 444 5.80 21.17 9.23
N LEU A 445 5.95 20.35 10.28
CA LEU A 445 7.28 19.96 10.76
C LEU A 445 8.10 19.31 9.65
N CYS A 446 7.47 18.38 8.92
CA CYS A 446 8.16 17.66 7.83
C CYS A 446 8.64 18.56 6.70
N ILE A 447 7.80 19.52 6.32
CA ILE A 447 8.16 20.45 5.25
C ILE A 447 9.33 21.32 5.69
N ALA A 448 9.26 21.84 6.91
CA ALA A 448 10.32 22.69 7.45
C ALA A 448 11.67 21.99 7.51
N GLY A 449 11.66 20.71 7.90
CA GLY A 449 12.87 19.94 8.13
C GLY A 449 13.33 19.01 7.01
N SER A 450 12.76 19.16 5.82
CA SER A 450 13.11 18.34 4.66
C SER A 450 13.58 19.20 3.49
N HIS A 451 14.54 18.70 2.72
CA HIS A 451 14.98 19.40 1.50
C HIS A 451 14.08 19.11 0.30
N ALA A 452 13.21 18.12 0.41
CA ALA A 452 12.31 17.77 -0.68
C ALA A 452 11.00 17.25 -0.12
N VAL A 453 9.92 17.72 -0.74
CA VAL A 453 8.57 17.30 -0.41
C VAL A 453 7.91 16.88 -1.72
N ASN A 454 7.35 15.67 -1.76
CA ASN A 454 6.71 15.21 -2.98
C ASN A 454 5.31 14.67 -2.75
N GLY A 455 4.45 14.87 -3.74
CA GLY A 455 3.19 14.15 -3.85
C GLY A 455 3.40 12.92 -4.72
N VAL A 456 2.34 12.16 -4.91
CA VAL A 456 2.46 10.80 -5.44
C VAL A 456 1.75 10.60 -6.77
N ALA A 457 1.24 11.70 -7.33
CA ALA A 457 0.74 11.74 -8.70
C ALA A 457 0.67 13.20 -9.12
N ARG A 458 0.74 13.46 -10.42
CA ARG A 458 0.88 14.84 -10.90
C ARG A 458 -0.23 15.74 -10.36
N ILE A 459 -1.48 15.30 -10.47
CA ILE A 459 -2.62 16.11 -10.02
C ILE A 459 -2.56 16.38 -8.50
N HIS A 460 -2.14 15.37 -7.76
CA HIS A 460 -2.00 15.48 -6.31
C HIS A 460 -0.89 16.47 -5.93
N SER A 461 0.26 16.36 -6.57
CA SER A 461 1.36 17.29 -6.32
C SER A 461 0.99 18.73 -6.66
N GLU A 462 0.17 18.91 -7.69
CA GLU A 462 -0.32 20.24 -8.05
C GLU A 462 -1.30 20.76 -7.00
N ILE A 463 -2.19 19.90 -6.54
CA ILE A 463 -3.13 20.25 -5.49
C ILE A 463 -2.40 20.69 -4.21
N LEU A 464 -1.32 19.99 -3.86
CA LEU A 464 -0.50 20.36 -2.71
C LEU A 464 0.01 21.80 -2.79
N LYS A 465 0.49 22.17 -3.97
CA LYS A 465 1.06 23.51 -4.17
C LYS A 465 -0.02 24.60 -4.25
N LYS A 466 -1.22 24.22 -4.68
CA LYS A 466 -2.32 25.18 -4.84
C LYS A 466 -3.17 25.35 -3.58
N THR A 467 -3.21 24.34 -2.72
CA THR A 467 -4.11 24.35 -1.56
C THR A 467 -3.38 24.21 -0.23
N ILE A 468 -3.28 22.99 0.29
CA ILE A 468 -2.89 22.81 1.69
C ILE A 468 -1.46 23.25 2.02
N PHE A 469 -0.55 23.19 1.05
CA PHE A 469 0.84 23.65 1.28
C PHE A 469 1.20 24.89 0.45
N LYS A 470 0.20 25.66 0.03
CA LYS A 470 0.44 26.85 -0.80
C LYS A 470 1.43 27.82 -0.17
N ASP A 471 1.26 28.11 1.12
CA ASP A 471 2.15 29.05 1.82
C ASP A 471 3.60 28.58 1.80
N PHE A 472 3.80 27.28 1.97
CA PHE A 472 5.14 26.68 2.01
C PHE A 472 5.79 26.66 0.63
N TYR A 473 4.98 26.41 -0.40
CA TYR A 473 5.44 26.48 -1.77
C TYR A 473 5.89 27.90 -2.13
N GLU A 474 5.18 28.91 -1.63
CA GLU A 474 5.55 30.29 -1.90
C GLU A 474 6.87 30.67 -1.23
N LEU A 475 7.12 30.13 -0.04
CA LEU A 475 8.39 30.37 0.66
C LEU A 475 9.56 29.60 0.05
N GLU A 476 9.33 28.33 -0.30
CA GLU A 476 10.42 27.45 -0.75
C GLU A 476 9.98 26.58 -1.93
N PRO A 477 9.77 27.20 -3.11
CA PRO A 477 9.23 26.49 -4.26
C PRO A 477 10.10 25.30 -4.70
N HIS A 478 11.41 25.46 -4.57
CA HIS A 478 12.39 24.42 -4.92
C HIS A 478 12.20 23.08 -4.20
N LYS A 479 11.58 23.09 -3.02
CA LYS A 479 11.36 21.85 -2.25
C LYS A 479 10.33 20.92 -2.87
N PHE A 480 9.40 21.47 -3.63
CA PHE A 480 8.22 20.74 -4.02
C PHE A 480 8.37 19.98 -5.34
N GLN A 481 8.17 18.67 -5.27
CA GLN A 481 8.32 17.78 -6.42
C GLN A 481 7.12 16.87 -6.57
N ASN A 482 7.08 16.19 -7.72
CA ASN A 482 6.17 15.08 -7.95
C ASN A 482 6.96 13.80 -8.17
N LYS A 483 6.45 12.71 -7.62
CA LYS A 483 6.93 11.37 -7.95
C LYS A 483 5.72 10.48 -8.10
N THR A 484 5.26 10.31 -9.33
CA THR A 484 4.09 9.50 -9.56
C THR A 484 4.37 8.06 -9.13
N ASN A 485 3.43 7.49 -8.40
CA ASN A 485 3.55 6.13 -7.88
C ASN A 485 3.66 5.09 -8.99
N GLY A 486 4.03 3.89 -8.58
CA GLY A 486 4.13 2.76 -9.47
C GLY A 486 4.00 1.46 -8.69
N ILE A 487 3.99 0.36 -9.42
CA ILE A 487 3.87 -0.98 -8.86
C ILE A 487 4.97 -1.85 -9.45
N THR A 488 5.38 -2.89 -8.73
CA THR A 488 6.44 -3.76 -9.24
C THR A 488 5.86 -4.76 -10.24
N PRO A 489 6.44 -4.81 -11.45
CA PRO A 489 5.94 -5.79 -12.41
C PRO A 489 6.33 -7.24 -12.10
N ARG A 490 7.20 -7.46 -11.12
CA ARG A 490 7.49 -8.82 -10.68
C ARG A 490 6.27 -9.41 -9.98
N ARG A 491 5.89 -8.86 -8.83
CA ARG A 491 4.70 -9.36 -8.13
C ARG A 491 3.44 -9.20 -8.97
N TRP A 492 3.27 -8.06 -9.63
CA TRP A 492 1.97 -7.72 -10.19
C TRP A 492 1.80 -8.07 -11.67
N LEU A 493 2.75 -8.83 -12.22
CA LEU A 493 2.56 -9.44 -13.54
C LEU A 493 3.11 -10.85 -13.60
N VAL A 494 4.43 -10.98 -13.43
CA VAL A 494 5.11 -12.27 -13.59
C VAL A 494 4.61 -13.28 -12.56
N LEU A 495 4.53 -12.85 -11.30
CA LEU A 495 4.08 -13.72 -10.23
C LEU A 495 2.59 -14.08 -10.34
N CYS A 496 1.72 -13.07 -10.44
CA CYS A 496 0.28 -13.32 -10.37
C CYS A 496 -0.36 -13.69 -11.71
N ASN A 497 0.31 -13.41 -12.82
CA ASN A 497 -0.27 -13.63 -14.14
C ASN A 497 0.78 -14.20 -15.11
N PRO A 498 1.32 -15.39 -14.80
CA PRO A 498 2.36 -15.96 -15.66
C PRO A 498 1.93 -16.19 -17.10
N GLY A 499 0.66 -16.55 -17.31
CA GLY A 499 0.09 -16.71 -18.65
C GLY A 499 0.23 -15.48 -19.51
N LEU A 500 -0.07 -14.31 -18.94
CA LEU A 500 0.07 -13.06 -19.66
C LEU A 500 1.53 -12.72 -19.87
N ALA A 501 2.35 -12.93 -18.84
CA ALA A 501 3.77 -12.64 -18.95
C ALA A 501 4.39 -13.48 -20.06
N GLU A 502 3.93 -14.72 -20.20
CA GLU A 502 4.49 -15.64 -21.19
C GLU A 502 4.16 -15.25 -22.62
N ILE A 503 2.89 -14.96 -22.90
CA ILE A 503 2.49 -14.55 -24.27
C ILE A 503 3.15 -13.23 -24.67
N ILE A 504 3.40 -12.35 -23.71
CA ILE A 504 4.16 -11.14 -23.99
C ILE A 504 5.61 -11.48 -24.32
N ALA A 505 6.24 -12.31 -23.49
CA ALA A 505 7.64 -12.69 -23.66
C ALA A 505 7.88 -13.36 -25.02
N GLU A 506 6.92 -14.17 -25.45
CA GLU A 506 6.99 -14.85 -26.75
C GLU A 506 7.21 -13.88 -27.92
N ARG A 507 6.66 -12.67 -27.81
CA ARG A 507 6.76 -11.68 -28.89
C ARG A 507 7.95 -10.74 -28.71
N ILE A 508 8.15 -10.24 -27.49
CA ILE A 508 9.15 -9.19 -27.26
C ILE A 508 10.31 -9.56 -26.33
N GLY A 509 10.36 -10.81 -25.89
CA GLY A 509 11.46 -11.25 -25.02
C GLY A 509 11.19 -10.90 -23.57
N GLU A 510 12.16 -11.18 -22.71
CA GLU A 510 11.99 -11.06 -21.25
C GLU A 510 12.47 -9.76 -20.62
N GLU A 511 13.13 -8.89 -21.42
CA GLU A 511 13.76 -7.68 -20.87
C GLU A 511 12.78 -6.71 -20.24
N TYR A 512 11.51 -6.80 -20.62
CA TYR A 512 10.49 -5.87 -20.15
C TYR A 512 10.20 -6.00 -18.66
N ILE A 513 10.55 -7.13 -18.06
CA ILE A 513 10.26 -7.40 -16.65
C ILE A 513 11.04 -6.46 -15.72
N SER A 514 12.21 -6.00 -16.17
CA SER A 514 12.98 -4.97 -15.47
C SER A 514 13.12 -3.68 -16.30
N ASP A 515 12.28 -3.53 -17.32
CA ASP A 515 12.28 -2.33 -18.17
C ASP A 515 10.90 -2.24 -18.82
N LEU A 516 9.90 -1.88 -18.02
CA LEU A 516 8.50 -2.04 -18.41
C LEU A 516 8.07 -1.16 -19.59
N ASP A 517 8.82 -0.10 -19.87
CA ASP A 517 8.56 0.74 -21.06
C ASP A 517 8.61 -0.06 -22.36
N GLN A 518 9.31 -1.19 -22.36
CA GLN A 518 9.36 -2.06 -23.55
C GLN A 518 8.00 -2.64 -23.95
N LEU A 519 7.03 -2.62 -23.03
CA LEU A 519 5.66 -3.01 -23.39
C LEU A 519 5.07 -2.19 -24.54
N ARG A 520 5.61 -1.00 -24.78
CA ARG A 520 5.16 -0.18 -25.92
C ARG A 520 5.31 -0.91 -27.26
N LYS A 521 6.23 -1.88 -27.32
CA LYS A 521 6.39 -2.71 -28.52
C LYS A 521 5.14 -3.52 -28.87
N LEU A 522 4.26 -3.75 -27.88
CA LEU A 522 3.03 -4.50 -28.10
C LEU A 522 1.99 -3.76 -28.97
N LEU A 523 2.17 -2.46 -29.15
CA LEU A 523 1.29 -1.70 -30.04
C LEU A 523 1.37 -2.22 -31.48
N SER A 524 2.54 -2.76 -31.85
CA SER A 524 2.72 -3.43 -33.15
C SER A 524 1.86 -4.67 -33.36
N TYR A 525 1.23 -5.18 -32.30
CA TYR A 525 0.43 -6.40 -32.37
C TYR A 525 -1.05 -6.18 -32.15
N VAL A 526 -1.48 -4.92 -32.13
CA VAL A 526 -2.89 -4.58 -31.90
C VAL A 526 -3.83 -5.09 -33.01
N ASP A 527 -3.29 -5.29 -34.21
CA ASP A 527 -4.05 -5.89 -35.32
C ASP A 527 -3.61 -7.33 -35.64
N ASP A 528 -2.73 -7.88 -34.81
CA ASP A 528 -2.28 -9.27 -34.94
C ASP A 528 -3.38 -10.19 -34.40
N GLU A 529 -3.94 -11.01 -35.29
CA GLU A 529 -5.06 -11.88 -34.92
C GLU A 529 -4.67 -12.95 -33.90
N ALA A 530 -3.42 -13.42 -33.97
CA ALA A 530 -2.94 -14.43 -33.03
C ALA A 530 -2.81 -13.86 -31.62
N PHE A 531 -2.21 -12.66 -31.53
CA PHE A 531 -2.02 -12.00 -30.24
C PHE A 531 -3.35 -11.63 -29.58
N ILE A 532 -4.30 -11.13 -30.38
CA ILE A 532 -5.65 -10.83 -29.90
C ILE A 532 -6.29 -12.08 -29.26
N ARG A 533 -6.17 -13.22 -29.94
CA ARG A 533 -6.71 -14.47 -29.42
C ARG A 533 -6.04 -14.90 -28.13
N ASP A 534 -4.72 -14.77 -28.07
CA ASP A 534 -3.94 -15.19 -26.90
C ASP A 534 -4.24 -14.33 -25.68
N VAL A 535 -4.34 -13.02 -25.88
CA VAL A 535 -4.68 -12.11 -24.77
C VAL A 535 -6.04 -12.48 -24.20
N ALA A 536 -7.01 -12.65 -25.09
CA ALA A 536 -8.37 -13.04 -24.70
C ALA A 536 -8.40 -14.42 -24.02
N LYS A 537 -7.58 -15.35 -24.50
CA LYS A 537 -7.53 -16.69 -23.92
C LYS A 537 -6.97 -16.66 -22.49
N VAL A 538 -5.91 -15.89 -22.28
CA VAL A 538 -5.30 -15.75 -20.95
C VAL A 538 -6.32 -15.21 -19.95
N LYS A 539 -7.06 -14.17 -20.34
CA LYS A 539 -8.08 -13.61 -19.45
C LYS A 539 -9.15 -14.65 -19.12
N GLN A 540 -9.62 -15.38 -20.12
CA GLN A 540 -10.65 -16.39 -19.90
C GLN A 540 -10.18 -17.48 -18.94
N GLU A 541 -8.93 -17.91 -19.09
CA GLU A 541 -8.35 -18.91 -18.19
C GLU A 541 -8.26 -18.38 -16.76
N ASN A 542 -7.84 -17.12 -16.63
CA ASN A 542 -7.77 -16.48 -15.31
C ASN A 542 -9.15 -16.41 -14.66
N LYS A 543 -10.16 -16.07 -15.44
CA LYS A 543 -11.53 -15.98 -14.94
C LYS A 543 -12.07 -17.34 -14.52
N LEU A 544 -11.77 -18.38 -15.30
CA LEU A 544 -12.16 -19.75 -14.95
C LEU A 544 -11.51 -20.20 -13.65
N LYS A 545 -10.22 -19.91 -13.52
CA LYS A 545 -9.46 -20.26 -12.31
C LYS A 545 -10.03 -19.57 -11.07
N PHE A 546 -10.38 -18.30 -11.20
CA PHE A 546 -10.94 -17.54 -10.08
C PHE A 546 -12.35 -17.99 -9.72
N ALA A 547 -13.15 -18.26 -10.75
CA ALA A 547 -14.51 -18.79 -10.55
C ALA A 547 -14.50 -20.12 -9.79
N ALA A 548 -13.50 -20.95 -10.08
CA ALA A 548 -13.32 -22.22 -9.37
C ALA A 548 -12.90 -21.98 -7.92
N TYR A 549 -11.95 -21.06 -7.72
CA TYR A 549 -11.47 -20.70 -6.39
C TYR A 549 -12.61 -20.26 -5.47
N LEU A 550 -13.56 -19.50 -6.02
CA LEU A 550 -14.72 -19.03 -5.26
C LEU A 550 -15.59 -20.19 -4.76
N GLU A 551 -15.86 -21.16 -5.63
CA GLU A 551 -16.66 -22.33 -5.24
C GLU A 551 -15.94 -23.17 -4.18
N ARG A 552 -14.65 -23.45 -4.42
CA ARG A 552 -13.85 -24.24 -3.48
C ARG A 552 -13.86 -23.67 -2.07
N GLU A 553 -13.36 -22.45 -1.93
CA GLU A 553 -13.12 -21.84 -0.62
C GLU A 553 -14.36 -21.21 0.01
N TYR A 554 -15.26 -20.67 -0.83
CA TYR A 554 -16.41 -19.91 -0.33
C TYR A 554 -17.78 -20.40 -0.80
N LYS A 555 -17.83 -21.55 -1.47
CA LYS A 555 -19.10 -22.19 -1.86
C LYS A 555 -20.06 -21.24 -2.56
N VAL A 556 -19.55 -20.48 -3.53
CA VAL A 556 -20.37 -19.56 -4.31
C VAL A 556 -20.10 -19.72 -5.80
N HIS A 557 -21.18 -19.83 -6.59
CA HIS A 557 -21.09 -20.08 -8.02
C HIS A 557 -21.28 -18.79 -8.82
N ILE A 558 -20.50 -18.64 -9.89
CA ILE A 558 -20.62 -17.50 -10.79
C ILE A 558 -20.49 -17.91 -12.26
N ASN A 559 -21.08 -17.10 -13.14
CA ASN A 559 -20.99 -17.31 -14.59
C ASN A 559 -19.65 -16.79 -15.12
N PRO A 560 -18.78 -17.68 -15.61
CA PRO A 560 -17.45 -17.23 -16.08
C PRO A 560 -17.45 -16.47 -17.41
N ASN A 561 -18.59 -16.44 -18.11
CA ASN A 561 -18.71 -15.67 -19.35
C ASN A 561 -19.22 -14.25 -19.13
N SER A 562 -19.59 -13.94 -17.89
CA SER A 562 -20.05 -12.60 -17.55
C SER A 562 -18.87 -11.63 -17.45
N LEU A 563 -19.17 -10.34 -17.55
CA LEU A 563 -18.17 -9.30 -17.38
C LEU A 563 -17.81 -9.22 -15.89
N PHE A 564 -16.53 -9.36 -15.58
CA PHE A 564 -16.06 -9.32 -14.18
C PHE A 564 -15.76 -7.86 -13.81
N ASP A 565 -16.66 -7.30 -13.02
CA ASP A 565 -16.69 -5.88 -12.67
C ASP A 565 -16.22 -5.78 -11.22
N VAL A 566 -15.03 -5.23 -11.01
CA VAL A 566 -14.32 -5.38 -9.74
C VAL A 566 -13.93 -4.04 -9.11
N GLN A 567 -14.29 -3.87 -7.85
CA GLN A 567 -13.83 -2.76 -7.04
C GLN A 567 -13.25 -3.33 -5.76
N VAL A 568 -11.94 -3.41 -5.68
CA VAL A 568 -11.27 -3.89 -4.47
C VAL A 568 -10.31 -2.81 -3.96
N LYS A 569 -10.48 -2.47 -2.69
CA LYS A 569 -9.74 -1.40 -2.02
C LYS A 569 -10.40 -1.24 -0.65
N ARG A 570 -9.74 -0.55 0.26
CA ARG A 570 -10.32 -0.35 1.59
C ARG A 570 -11.65 0.39 1.47
N ILE A 571 -12.56 0.10 2.40
CA ILE A 571 -13.90 0.69 2.36
C ILE A 571 -13.82 2.11 2.92
N HIS A 572 -14.19 3.07 2.10
CA HIS A 572 -14.12 4.49 2.44
C HIS A 572 -15.22 5.25 1.75
N GLU A 573 -15.71 6.30 2.40
CA GLU A 573 -16.65 7.18 1.72
C GLU A 573 -16.05 7.83 0.47
N TYR A 574 -14.78 8.25 0.52
CA TYR A 574 -14.20 8.97 -0.61
C TYR A 574 -14.00 8.07 -1.82
N LYS A 575 -13.85 6.77 -1.59
CA LYS A 575 -13.67 5.79 -2.68
C LYS A 575 -14.99 5.43 -3.37
N ARG A 576 -16.10 5.78 -2.72
CA ARG A 576 -17.44 5.72 -3.32
C ARG A 576 -17.87 4.32 -3.79
N GLN A 577 -17.64 3.31 -2.97
CA GLN A 577 -18.30 2.02 -3.12
C GLN A 577 -19.82 2.22 -3.21
N LEU A 578 -20.32 3.26 -2.55
CA LEU A 578 -21.76 3.60 -2.62
C LEU A 578 -22.24 3.97 -4.03
N LEU A 579 -21.41 4.63 -4.81
CA LEU A 579 -21.75 4.96 -6.18
C LEU A 579 -21.90 3.67 -7.01
N ASN A 580 -20.97 2.75 -6.80
CA ASN A 580 -21.03 1.42 -7.42
C ASN A 580 -22.35 0.73 -7.03
N CYS A 581 -22.66 0.74 -5.74
CA CYS A 581 -23.93 0.17 -5.25
C CYS A 581 -25.15 0.74 -5.96
N LEU A 582 -25.17 2.05 -6.19
CA LEU A 582 -26.31 2.68 -6.86
C LEU A 582 -26.45 2.17 -8.29
N HIS A 583 -25.32 1.98 -8.97
CA HIS A 583 -25.36 1.44 -10.33
C HIS A 583 -25.89 0.01 -10.35
N VAL A 584 -25.42 -0.80 -9.41
CA VAL A 584 -25.87 -2.19 -9.29
C VAL A 584 -27.39 -2.26 -9.11
N ILE A 585 -27.93 -1.41 -8.24
CA ILE A 585 -29.38 -1.39 -8.01
C ILE A 585 -30.11 -0.89 -9.26
N THR A 586 -29.52 0.06 -9.97
CA THR A 586 -30.06 0.56 -11.24
C THR A 586 -30.18 -0.59 -12.26
N LEU A 587 -29.12 -1.37 -12.40
CA LEU A 587 -29.14 -2.52 -13.33
C LEU A 587 -30.21 -3.53 -12.93
N TYR A 588 -30.32 -3.79 -11.64
CA TYR A 588 -31.33 -4.72 -11.12
C TYR A 588 -32.74 -4.21 -11.44
N ASN A 589 -33.01 -2.95 -11.11
CA ASN A 589 -34.32 -2.35 -11.39
C ASN A 589 -34.68 -2.35 -12.89
N ARG A 590 -33.70 -2.09 -13.74
CA ARG A 590 -33.91 -2.11 -15.19
C ARG A 590 -34.27 -3.51 -15.69
N ILE A 591 -33.63 -4.53 -15.14
CA ILE A 591 -33.95 -5.93 -15.48
C ILE A 591 -35.37 -6.27 -15.06
N LYS A 592 -35.73 -5.88 -13.83
CA LYS A 592 -37.08 -6.14 -13.32
C LYS A 592 -38.15 -5.42 -14.15
N LYS A 593 -37.79 -4.26 -14.69
CA LYS A 593 -38.69 -3.46 -15.53
C LYS A 593 -38.87 -4.07 -16.92
N GLU A 594 -37.81 -4.64 -17.48
CA GLU A 594 -37.85 -5.29 -18.80
C GLU A 594 -37.11 -6.62 -18.76
N PRO A 595 -37.71 -7.63 -18.11
CA PRO A 595 -37.03 -8.92 -17.88
C PRO A 595 -36.53 -9.60 -19.14
N ASN A 596 -37.28 -9.48 -20.23
CA ASN A 596 -36.99 -10.23 -21.45
C ASN A 596 -36.10 -9.50 -22.46
N LYS A 597 -35.59 -8.34 -22.08
CA LYS A 597 -34.60 -7.64 -22.89
C LYS A 597 -33.22 -8.18 -22.57
N PHE A 598 -32.36 -8.26 -23.57
CA PHE A 598 -30.99 -8.73 -23.37
C PHE A 598 -30.14 -7.64 -22.71
N VAL A 599 -29.37 -8.04 -21.70
CA VAL A 599 -28.35 -7.17 -21.10
C VAL A 599 -27.06 -7.97 -20.94
N VAL A 600 -25.93 -7.29 -21.06
CA VAL A 600 -24.64 -7.94 -20.94
C VAL A 600 -24.51 -8.49 -19.51
N PRO A 601 -24.28 -9.79 -19.36
CA PRO A 601 -24.18 -10.36 -18.01
C PRO A 601 -22.98 -9.82 -17.25
N ARG A 602 -23.17 -9.57 -15.96
CA ARG A 602 -22.11 -9.06 -15.11
C ARG A 602 -21.98 -9.84 -13.82
N THR A 603 -20.73 -9.99 -13.37
CA THR A 603 -20.46 -10.37 -11.99
C THR A 603 -19.80 -9.16 -11.35
N VAL A 604 -20.52 -8.53 -10.42
CA VAL A 604 -20.02 -7.36 -9.73
C VAL A 604 -19.42 -7.82 -8.42
N MET A 605 -18.11 -7.61 -8.28
CA MET A 605 -17.37 -8.01 -7.10
C MET A 605 -16.85 -6.78 -6.39
N ILE A 606 -17.10 -6.70 -5.09
CA ILE A 606 -16.64 -5.60 -4.27
C ILE A 606 -16.00 -6.20 -3.03
N GLY A 607 -14.79 -5.76 -2.71
CA GLY A 607 -14.09 -6.26 -1.53
C GLY A 607 -13.26 -5.19 -0.88
N GLY A 608 -12.99 -5.38 0.41
CA GLY A 608 -12.18 -4.45 1.17
C GLY A 608 -12.55 -4.49 2.63
N LYS A 609 -11.59 -4.12 3.47
CA LYS A 609 -11.82 -4.08 4.90
C LYS A 609 -12.22 -2.68 5.34
N ALA A 610 -13.04 -2.62 6.38
CA ALA A 610 -13.39 -1.36 7.03
C ALA A 610 -12.64 -1.28 8.35
N ALA A 611 -12.18 -0.10 8.72
CA ALA A 611 -11.57 0.10 10.03
C ALA A 611 -12.62 -0.24 11.10
N PRO A 612 -12.23 -0.96 12.17
CA PRO A 612 -13.21 -1.44 13.15
C PRO A 612 -14.14 -0.39 13.75
N GLY A 613 -13.66 0.85 13.90
CA GLY A 613 -14.48 1.93 14.47
C GLY A 613 -15.27 2.77 13.47
N TYR A 614 -15.06 2.51 12.18
CA TYR A 614 -15.65 3.31 11.11
C TYR A 614 -17.06 2.80 10.82
N HIS A 615 -18.04 3.39 11.51
CA HIS A 615 -19.43 2.95 11.45
C HIS A 615 -20.01 2.95 10.03
N MET A 616 -19.87 4.07 9.33
CA MET A 616 -20.41 4.21 7.99
C MET A 616 -19.84 3.17 7.02
N ALA A 617 -18.55 2.88 7.15
CA ALA A 617 -17.89 1.86 6.32
C ALA A 617 -18.47 0.48 6.59
N LYS A 618 -18.74 0.18 7.85
CA LYS A 618 -19.34 -1.10 8.21
C LYS A 618 -20.76 -1.23 7.66
N MET A 619 -21.49 -0.12 7.61
CA MET A 619 -22.84 -0.11 7.04
C MET A 619 -22.84 -0.31 5.53
N ILE A 620 -21.80 0.22 4.87
CA ILE A 620 -21.63 0.04 3.42
C ILE A 620 -21.41 -1.44 3.09
N ILE A 621 -20.58 -2.13 3.87
CA ILE A 621 -20.38 -3.57 3.69
C ILE A 621 -21.72 -4.31 3.84
N LYS A 622 -22.47 -3.96 4.87
CA LYS A 622 -23.78 -4.58 5.09
C LYS A 622 -24.73 -4.31 3.92
N LEU A 623 -24.70 -3.10 3.38
CA LEU A 623 -25.53 -2.78 2.20
C LEU A 623 -25.18 -3.66 1.01
N ILE A 624 -23.88 -3.86 0.77
CA ILE A 624 -23.44 -4.65 -0.40
C ILE A 624 -23.92 -6.10 -0.30
N THR A 625 -23.75 -6.71 0.86
CA THR A 625 -24.21 -8.08 1.07
C THR A 625 -25.74 -8.15 0.99
N ALA A 626 -26.42 -7.12 1.49
CA ALA A 626 -27.88 -7.04 1.46
C ALA A 626 -28.43 -6.95 0.04
N ILE A 627 -27.73 -6.19 -0.82
CA ILE A 627 -28.07 -6.12 -2.24
C ILE A 627 -27.85 -7.49 -2.88
N GLY A 628 -26.74 -8.14 -2.56
CA GLY A 628 -26.46 -9.50 -3.03
C GLY A 628 -27.55 -10.49 -2.66
N ASP A 629 -28.02 -10.43 -1.40
CA ASP A 629 -29.08 -11.31 -0.92
C ASP A 629 -30.34 -11.24 -1.77
N VAL A 630 -30.70 -10.03 -2.21
CA VAL A 630 -31.87 -9.85 -3.08
C VAL A 630 -31.57 -10.27 -4.51
N VAL A 631 -30.51 -9.69 -5.08
CA VAL A 631 -30.20 -9.85 -6.50
C VAL A 631 -29.85 -11.30 -6.84
N ASN A 632 -29.05 -11.94 -6.01
CA ASN A 632 -28.54 -13.28 -6.31
C ASN A 632 -29.59 -14.39 -6.19
N HIS A 633 -30.74 -14.07 -5.60
CA HIS A 633 -31.80 -15.06 -5.39
C HIS A 633 -33.10 -14.72 -6.11
N ASP A 634 -33.07 -13.70 -6.97
CA ASP A 634 -34.24 -13.34 -7.77
C ASP A 634 -34.23 -14.19 -9.04
N PRO A 635 -35.25 -15.06 -9.22
CA PRO A 635 -35.28 -15.97 -10.38
C PRO A 635 -35.32 -15.27 -11.73
N VAL A 636 -35.93 -14.09 -11.78
CA VAL A 636 -36.08 -13.34 -13.03
C VAL A 636 -34.72 -12.82 -13.54
N VAL A 637 -33.82 -12.53 -12.61
CA VAL A 637 -32.46 -12.08 -12.94
C VAL A 637 -31.67 -13.21 -13.57
N GLY A 638 -31.77 -14.40 -12.98
CA GLY A 638 -31.02 -15.56 -13.46
C GLY A 638 -29.54 -15.37 -13.17
N ASP A 639 -28.70 -15.66 -14.16
CA ASP A 639 -27.26 -15.43 -14.03
C ASP A 639 -26.80 -14.22 -14.86
N ARG A 640 -27.71 -13.27 -15.07
CA ARG A 640 -27.38 -12.04 -15.80
C ARG A 640 -26.74 -11.00 -14.88
N LEU A 641 -27.00 -11.10 -13.58
CA LEU A 641 -26.42 -10.18 -12.61
C LEU A 641 -26.17 -10.89 -11.28
N ARG A 642 -24.92 -10.84 -10.83
CA ARG A 642 -24.51 -11.40 -9.56
C ARG A 642 -23.71 -10.34 -8.81
N VAL A 643 -23.93 -10.24 -7.50
CA VAL A 643 -23.21 -9.28 -6.66
C VAL A 643 -22.54 -10.03 -5.51
N ILE A 644 -21.22 -10.03 -5.50
CA ILE A 644 -20.45 -10.79 -4.51
C ILE A 644 -19.56 -9.85 -3.71
N PHE A 645 -19.59 -10.00 -2.39
CA PHE A 645 -18.63 -9.31 -1.54
C PHE A 645 -17.45 -10.23 -1.28
N LEU A 646 -16.27 -9.84 -1.76
CA LEU A 646 -15.07 -10.65 -1.58
C LEU A 646 -14.51 -10.45 -0.18
N GLU A 647 -14.58 -11.50 0.62
CA GLU A 647 -14.18 -11.46 2.03
C GLU A 647 -12.66 -11.46 2.19
N ASN A 648 -12.19 -10.70 3.17
CA ASN A 648 -10.79 -10.70 3.60
C ASN A 648 -9.81 -10.28 2.50
N TYR A 649 -10.17 -9.23 1.77
CA TYR A 649 -9.30 -8.68 0.75
C TYR A 649 -7.94 -8.32 1.36
N ARG A 650 -6.88 -8.78 0.69
CA ARG A 650 -5.52 -8.69 1.16
C ARG A 650 -4.63 -8.96 -0.04
N VAL A 651 -3.31 -8.90 0.15
CA VAL A 651 -2.38 -8.98 -0.99
C VAL A 651 -2.54 -10.30 -1.76
N SER A 652 -2.64 -11.42 -1.04
CA SER A 652 -2.76 -12.73 -1.70
CA SER A 652 -2.75 -12.72 -1.71
C SER A 652 -4.04 -12.84 -2.52
N LEU A 653 -5.13 -12.23 -2.05
CA LEU A 653 -6.38 -12.25 -2.80
C LEU A 653 -6.34 -11.30 -4.00
N ALA A 654 -5.66 -10.17 -3.85
CA ALA A 654 -5.43 -9.26 -4.98
C ALA A 654 -4.72 -9.96 -6.13
N GLU A 655 -3.75 -10.79 -5.78
CA GLU A 655 -2.99 -11.55 -6.79
C GLU A 655 -3.87 -12.53 -7.55
N LYS A 656 -4.98 -12.95 -6.96
CA LYS A 656 -5.93 -13.85 -7.63
C LYS A 656 -7.00 -13.12 -8.44
N VAL A 657 -7.61 -12.09 -7.85
CA VAL A 657 -8.75 -11.42 -8.48
C VAL A 657 -8.34 -10.44 -9.60
N ILE A 658 -7.23 -9.75 -9.43
CA ILE A 658 -6.84 -8.72 -10.41
C ILE A 658 -6.62 -9.34 -11.80
N PRO A 659 -5.87 -10.45 -11.89
CA PRO A 659 -5.71 -11.07 -13.22
C PRO A 659 -7.01 -11.53 -13.89
N ALA A 660 -8.05 -11.76 -13.08
CA ALA A 660 -9.34 -12.21 -13.58
C ALA A 660 -10.31 -11.06 -13.95
N ALA A 661 -9.93 -9.82 -13.69
CA ALA A 661 -10.87 -8.71 -13.85
C ALA A 661 -10.97 -8.21 -15.29
N ASP A 662 -12.19 -7.85 -15.69
CA ASP A 662 -12.44 -7.20 -16.98
C ASP A 662 -12.51 -5.68 -16.82
N LEU A 663 -13.18 -5.24 -15.77
CA LEU A 663 -13.41 -3.82 -15.54
C LEU A 663 -12.93 -3.44 -14.15
N SER A 664 -12.09 -2.40 -14.11
CA SER A 664 -11.50 -1.86 -12.88
C SER A 664 -12.25 -0.58 -12.47
N GLU A 665 -12.81 -0.60 -11.26
CA GLU A 665 -13.61 0.52 -10.75
C GLU A 665 -12.72 1.46 -9.93
N GLN A 666 -12.48 2.65 -10.46
CA GLN A 666 -11.59 3.63 -9.84
C GLN A 666 -12.35 4.96 -9.80
N ILE A 667 -13.29 5.05 -8.86
CA ILE A 667 -14.39 6.02 -8.95
C ILE A 667 -14.46 7.00 -7.77
N SER A 668 -13.30 7.30 -7.21
CA SER A 668 -13.18 8.30 -6.15
C SER A 668 -13.63 9.69 -6.65
N THR A 669 -14.15 10.51 -5.74
CA THR A 669 -14.45 11.88 -6.09
C THR A 669 -13.17 12.61 -6.51
N ALA A 670 -13.23 13.31 -7.63
CA ALA A 670 -12.05 14.02 -8.16
C ALA A 670 -11.41 14.89 -7.08
N GLY A 671 -10.09 14.74 -6.89
CA GLY A 671 -9.35 15.45 -5.86
C GLY A 671 -9.14 14.74 -4.54
N THR A 672 -9.61 13.49 -4.39
CA THR A 672 -9.54 12.79 -3.11
C THR A 672 -8.56 11.62 -3.06
N GLU A 673 -8.41 10.88 -4.17
CA GLU A 673 -7.47 9.77 -4.22
C GLU A 673 -6.14 10.32 -4.72
N ALA A 674 -5.15 10.43 -3.83
CA ALA A 674 -3.87 11.08 -4.16
C ALA A 674 -3.24 10.45 -5.41
N SER A 675 -3.21 9.13 -5.44
CA SER A 675 -2.72 8.43 -6.63
C SER A 675 -3.60 7.22 -6.94
N GLY A 676 -3.63 6.29 -6.02
CA GLY A 676 -4.15 4.96 -6.27
C GLY A 676 -2.99 4.13 -6.81
N THR A 677 -2.99 2.84 -6.48
CA THR A 677 -2.05 1.90 -7.08
C THR A 677 -2.74 0.63 -7.57
N GLY A 678 -3.87 0.28 -6.98
CA GLY A 678 -4.70 -0.79 -7.52
C GLY A 678 -5.05 -0.53 -8.97
N ASN A 679 -5.36 0.73 -9.29
CA ASN A 679 -5.62 1.12 -10.67
C ASN A 679 -4.54 0.63 -11.65
N MET A 680 -3.28 0.79 -11.25
CA MET A 680 -2.14 0.39 -12.09
C MET A 680 -2.03 -1.12 -12.23
N LYS A 681 -2.32 -1.84 -11.13
CA LYS A 681 -2.31 -3.32 -11.15
C LYS A 681 -3.29 -3.86 -12.15
N PHE A 682 -4.49 -3.29 -12.19
CA PHE A 682 -5.54 -3.71 -13.13
C PHE A 682 -5.15 -3.43 -14.58
N MET A 683 -4.55 -2.27 -14.83
CA MET A 683 -4.16 -1.88 -16.18
C MET A 683 -3.11 -2.85 -16.73
N LEU A 684 -2.19 -3.26 -15.87
CA LEU A 684 -1.11 -4.16 -16.27
C LEU A 684 -1.62 -5.57 -16.59
N ASN A 685 -2.77 -5.95 -16.02
CA ASN A 685 -3.29 -7.30 -16.12
C ASN A 685 -4.49 -7.49 -17.06
N GLY A 686 -4.74 -6.50 -17.91
CA GLY A 686 -5.71 -6.66 -19.00
C GLY A 686 -7.16 -6.35 -18.66
N ALA A 687 -7.37 -5.46 -17.68
CA ALA A 687 -8.69 -4.92 -17.40
C ALA A 687 -8.77 -3.53 -17.98
N LEU A 688 -9.96 -3.13 -18.41
CA LEU A 688 -10.21 -1.74 -18.78
C LEU A 688 -10.67 -1.01 -17.53
N THR A 689 -10.52 0.31 -17.55
CA THR A 689 -10.77 1.13 -16.36
C THR A 689 -11.95 2.06 -16.58
N ILE A 690 -12.88 2.04 -15.62
CA ILE A 690 -13.90 3.08 -15.54
C ILE A 690 -13.52 3.95 -14.34
N GLY A 691 -13.36 5.24 -14.57
CA GLY A 691 -12.81 6.08 -13.54
C GLY A 691 -13.02 7.56 -13.71
N THR A 692 -12.87 8.26 -12.60
CA THR A 692 -12.85 9.70 -12.58
C THR A 692 -11.44 10.18 -12.92
N MET A 693 -11.33 11.46 -13.28
CA MET A 693 -10.04 12.07 -13.50
C MET A 693 -9.44 12.44 -12.14
N ASP A 694 -8.99 11.42 -11.42
CA ASP A 694 -8.47 11.57 -10.08
C ASP A 694 -7.16 10.80 -9.94
N GLY A 695 -6.25 11.32 -9.13
CA GLY A 695 -4.98 10.68 -8.86
C GLY A 695 -4.25 10.27 -10.13
N ALA A 696 -3.72 9.05 -10.13
CA ALA A 696 -2.95 8.56 -11.27
C ALA A 696 -3.84 8.15 -12.46
N ASN A 697 -5.16 8.07 -12.26
CA ASN A 697 -6.07 7.81 -13.39
C ASN A 697 -5.83 8.80 -14.53
N VAL A 698 -5.54 10.05 -14.18
CA VAL A 698 -5.27 11.11 -15.15
C VAL A 698 -4.08 10.76 -16.06
N GLU A 699 -3.00 10.29 -15.43
CA GLU A 699 -1.78 9.95 -16.16
C GLU A 699 -1.94 8.64 -16.92
N MET A 700 -2.72 7.71 -16.37
CA MET A 700 -3.01 6.45 -17.07
C MET A 700 -3.77 6.70 -18.36
N ALA A 701 -4.78 7.58 -18.30
CA ALA A 701 -5.56 7.95 -19.48
C ALA A 701 -4.70 8.69 -20.51
N GLU A 702 -3.80 9.54 -20.02
CA GLU A 702 -2.87 10.26 -20.86
C GLU A 702 -1.91 9.32 -21.58
N GLU A 703 -1.43 8.31 -20.86
CA GLU A 703 -0.52 7.32 -21.45
C GLU A 703 -1.21 6.44 -22.49
N ALA A 704 -2.40 5.94 -22.16
CA ALA A 704 -3.14 5.03 -23.06
C ALA A 704 -3.94 5.73 -24.14
N GLY A 705 -4.29 6.99 -23.91
CA GLY A 705 -5.24 7.71 -24.76
C GLY A 705 -6.62 7.69 -24.14
N GLU A 706 -7.25 8.85 -24.03
CA GLU A 706 -8.58 8.95 -23.43
C GLU A 706 -9.62 8.10 -24.14
N GLU A 707 -9.44 7.88 -25.44
CA GLU A 707 -10.34 7.03 -26.20
C GLU A 707 -10.30 5.55 -25.74
N ASN A 708 -9.26 5.18 -25.00
CA ASN A 708 -9.08 3.80 -24.52
C ASN A 708 -9.32 3.66 -23.01
N PHE A 709 -10.02 4.64 -22.46
CA PHE A 709 -10.32 4.71 -21.04
C PHE A 709 -11.78 5.10 -20.90
N PHE A 710 -12.46 4.62 -19.87
CA PHE A 710 -13.85 5.01 -19.63
C PHE A 710 -13.90 6.09 -18.57
N ILE A 711 -13.71 7.33 -19.00
CA ILE A 711 -13.66 8.48 -18.11
C ILE A 711 -15.05 9.07 -17.95
N PHE A 712 -15.41 9.41 -16.72
CA PHE A 712 -16.69 10.08 -16.46
C PHE A 712 -16.55 11.02 -15.29
N GLY A 713 -17.54 11.90 -15.15
CA GLY A 713 -17.76 12.62 -13.92
C GLY A 713 -17.08 13.96 -13.79
N MET A 714 -17.32 14.60 -12.66
CA MET A 714 -16.74 15.90 -12.36
C MET A 714 -15.23 15.83 -12.36
N ARG A 715 -14.60 16.86 -12.92
CA ARG A 715 -13.17 17.10 -12.73
C ARG A 715 -13.01 17.88 -11.42
N VAL A 716 -11.77 18.03 -10.95
CA VAL A 716 -11.49 18.76 -9.71
C VAL A 716 -12.13 20.16 -9.75
N GLU A 717 -12.05 20.82 -10.91
CA GLU A 717 -12.60 22.17 -11.11
C GLU A 717 -14.12 22.21 -10.94
N ASP A 718 -14.79 21.14 -11.37
CA ASP A 718 -16.23 21.02 -11.25
C ASP A 718 -16.64 20.85 -9.79
N VAL A 719 -15.86 20.07 -9.05
CA VAL A 719 -16.13 19.86 -7.64
C VAL A 719 -16.01 21.18 -6.88
N ASP A 720 -14.98 21.96 -7.21
CA ASP A 720 -14.77 23.30 -6.62
C ASP A 720 -15.96 24.22 -6.89
N ARG A 721 -16.41 24.26 -8.14
CA ARG A 721 -17.56 25.10 -8.51
C ARG A 721 -18.82 24.70 -7.74
N LEU A 722 -19.04 23.39 -7.59
CA LEU A 722 -20.19 22.89 -6.85
C LEU A 722 -20.11 23.26 -5.36
N ASP A 723 -18.90 23.20 -4.79
CA ASP A 723 -18.66 23.60 -3.40
C ASP A 723 -18.92 25.09 -3.17
N GLN A 724 -18.65 25.91 -4.17
CA GLN A 724 -18.83 27.35 -4.06
C GLN A 724 -20.31 27.74 -3.97
N ARG A 725 -21.15 27.13 -4.80
CA ARG A 725 -22.58 27.42 -4.76
C ARG A 725 -23.31 26.58 -3.70
N GLY A 726 -22.69 25.49 -3.26
CA GLY A 726 -23.27 24.62 -2.25
C GLY A 726 -23.87 23.38 -2.86
N TYR A 727 -23.49 22.21 -2.33
CA TYR A 727 -23.98 20.94 -2.85
C TYR A 727 -25.34 20.61 -2.26
N ASN A 728 -26.35 20.52 -3.12
CA ASN A 728 -27.69 20.14 -2.71
C ASN A 728 -28.11 18.83 -3.38
N ALA A 729 -28.02 17.74 -2.62
CA ALA A 729 -28.33 16.40 -3.14
C ALA A 729 -29.80 16.26 -3.54
N GLN A 730 -30.69 16.98 -2.85
CA GLN A 730 -32.13 16.95 -3.12
C GLN A 730 -32.44 17.26 -4.59
N GLU A 731 -31.67 18.16 -5.18
CA GLU A 731 -31.84 18.53 -6.57
C GLU A 731 -31.74 17.32 -7.51
N TYR A 732 -30.75 16.46 -7.27
CA TYR A 732 -30.53 15.28 -8.10
C TYR A 732 -31.65 14.25 -7.88
N TYR A 733 -32.03 14.06 -6.62
CA TYR A 733 -33.19 13.23 -6.25
C TYR A 733 -34.45 13.65 -6.98
N ASP A 734 -34.70 14.96 -7.03
CA ASP A 734 -35.90 15.51 -7.67
C ASP A 734 -35.90 15.36 -9.20
N ARG A 735 -34.71 15.36 -9.82
CA ARG A 735 -34.60 15.40 -11.28
C ARG A 735 -34.32 14.04 -11.94
N ILE A 736 -33.96 13.04 -11.15
CA ILE A 736 -33.58 11.73 -11.70
C ILE A 736 -34.48 10.66 -11.09
N PRO A 737 -35.54 10.26 -11.83
CA PRO A 737 -36.51 9.26 -11.34
C PRO A 737 -35.88 7.93 -10.93
N GLU A 738 -34.91 7.44 -11.71
CA GLU A 738 -34.23 6.18 -11.38
C GLU A 738 -33.48 6.28 -10.05
N LEU A 739 -32.89 7.44 -9.77
CA LEU A 739 -32.20 7.67 -8.51
C LEU A 739 -33.22 7.72 -7.36
N ARG A 740 -34.35 8.40 -7.58
CA ARG A 740 -35.42 8.48 -6.60
C ARG A 740 -35.92 7.11 -6.17
N GLN A 741 -36.16 6.24 -7.15
CA GLN A 741 -36.63 4.88 -6.91
C GLN A 741 -35.70 4.12 -5.95
N ILE A 742 -34.40 4.23 -6.19
CA ILE A 742 -33.41 3.53 -5.36
C ILE A 742 -33.44 4.01 -3.91
N ILE A 743 -33.53 5.33 -3.72
CA ILE A 743 -33.55 5.91 -2.38
C ILE A 743 -34.82 5.49 -1.64
N GLU A 744 -35.94 5.46 -2.36
CA GLU A 744 -37.20 4.95 -1.80
C GLU A 744 -37.08 3.48 -1.39
N GLN A 745 -36.46 2.67 -2.25
CA GLN A 745 -36.20 1.27 -1.92
C GLN A 745 -35.35 1.10 -0.66
N LEU A 746 -34.28 1.89 -0.56
CA LEU A 746 -33.40 1.85 0.62
C LEU A 746 -34.14 2.28 1.88
N SER A 747 -34.89 3.39 1.79
CA SER A 747 -35.61 3.94 2.93
C SER A 747 -36.73 3.02 3.42
N SER A 748 -37.43 2.40 2.48
CA SER A 748 -38.65 1.64 2.78
C SER A 748 -38.40 0.23 3.33
N GLY A 749 -37.17 -0.27 3.17
CA GLY A 749 -36.81 -1.59 3.67
C GLY A 749 -36.84 -2.70 2.62
N PHE A 750 -36.74 -2.33 1.35
CA PHE A 750 -36.71 -3.28 0.25
C PHE A 750 -35.52 -4.25 0.39
N PHE A 751 -34.36 -3.73 0.81
CA PHE A 751 -33.16 -4.55 0.98
C PHE A 751 -32.93 -4.99 2.44
N SER A 752 -33.91 -4.76 3.30
CA SER A 752 -33.86 -5.21 4.69
C SER A 752 -35.29 -5.37 5.23
N PRO A 753 -36.01 -6.40 4.75
CA PRO A 753 -37.44 -6.59 5.04
C PRO A 753 -37.77 -6.70 6.53
N LYS A 754 -36.96 -7.45 7.27
CA LYS A 754 -37.18 -7.68 8.69
C LYS A 754 -36.66 -6.54 9.57
N GLN A 755 -36.02 -5.56 8.94
CA GLN A 755 -35.47 -4.41 9.64
C GLN A 755 -35.52 -3.19 8.69
N PRO A 756 -36.72 -2.61 8.51
CA PRO A 756 -36.97 -1.65 7.42
C PRO A 756 -36.14 -0.36 7.44
N ASP A 757 -35.69 0.08 8.61
CA ASP A 757 -34.93 1.32 8.73
C ASP A 757 -33.42 1.10 8.89
N LEU A 758 -32.95 -0.09 8.53
CA LEU A 758 -31.54 -0.46 8.72
C LEU A 758 -30.57 0.52 8.05
N PHE A 759 -30.92 1.00 6.87
CA PHE A 759 -30.03 1.84 6.08
C PHE A 759 -30.38 3.34 6.14
N LYS A 760 -31.09 3.74 7.19
CA LYS A 760 -31.49 5.15 7.36
C LYS A 760 -30.28 6.09 7.43
N ASP A 761 -29.21 5.66 8.09
CA ASP A 761 -28.00 6.46 8.23
C ASP A 761 -27.36 6.70 6.86
N ILE A 762 -27.36 5.69 6.01
CA ILE A 762 -26.82 5.81 4.65
C ILE A 762 -27.65 6.80 3.84
N VAL A 763 -28.97 6.65 3.88
CA VAL A 763 -29.86 7.55 3.15
C VAL A 763 -29.71 8.98 3.67
N ASN A 764 -29.69 9.14 4.98
CA ASN A 764 -29.53 10.45 5.61
C ASN A 764 -28.24 11.13 5.16
N MET A 765 -27.15 10.36 5.14
CA MET A 765 -25.86 10.87 4.71
C MET A 765 -25.91 11.32 3.25
N LEU A 766 -26.44 10.47 2.38
CA LEU A 766 -26.50 10.78 0.95
C LEU A 766 -27.32 12.03 0.65
N MET A 767 -28.45 12.18 1.35
CA MET A 767 -29.37 13.30 1.12
C MET A 767 -28.91 14.62 1.72
N HIS A 768 -28.22 14.59 2.86
CA HIS A 768 -27.94 15.84 3.62
C HIS A 768 -26.48 16.14 3.99
N HIS A 769 -25.63 15.12 4.08
CA HIS A 769 -24.26 15.32 4.58
C HIS A 769 -23.22 14.53 3.78
N ASP A 770 -23.35 14.54 2.45
CA ASP A 770 -22.42 13.81 1.59
C ASP A 770 -21.25 14.69 1.16
N ARG A 771 -20.12 14.53 1.82
CA ARG A 771 -18.91 15.27 1.47
C ARG A 771 -18.37 14.89 0.09
N PHE A 772 -18.77 13.74 -0.43
CA PHE A 772 -18.15 13.21 -1.65
C PHE A 772 -19.06 13.15 -2.89
N LYS A 773 -20.24 13.78 -2.79
CA LYS A 773 -21.05 14.12 -3.96
C LYS A 773 -21.39 12.92 -4.86
N VAL A 774 -21.84 11.84 -4.21
CA VAL A 774 -22.21 10.60 -4.89
C VAL A 774 -23.26 10.86 -5.97
N PHE A 775 -24.33 11.57 -5.63
CA PHE A 775 -25.41 11.86 -6.56
C PHE A 775 -24.96 12.68 -7.76
N ALA A 776 -24.02 13.61 -7.57
CA ALA A 776 -23.57 14.49 -8.64
C ALA A 776 -22.92 13.76 -9.82
N ASP A 777 -22.34 12.58 -9.57
CA ASP A 777 -21.70 11.79 -10.63
C ASP A 777 -22.53 10.59 -11.10
N TYR A 778 -23.73 10.43 -10.55
CA TYR A 778 -24.55 9.23 -10.81
C TYR A 778 -24.96 9.09 -12.27
N GLU A 779 -25.53 10.13 -12.85
CA GLU A 779 -26.00 10.07 -14.25
C GLU A 779 -24.88 9.73 -15.23
N GLU A 780 -23.78 10.47 -15.14
CA GLU A 780 -22.64 10.21 -16.03
C GLU A 780 -22.03 8.82 -15.84
N TYR A 781 -21.99 8.36 -14.59
CA TYR A 781 -21.48 7.03 -14.27
C TYR A 781 -22.32 5.94 -14.93
N VAL A 782 -23.63 6.04 -14.79
CA VAL A 782 -24.54 5.05 -15.38
C VAL A 782 -24.43 5.04 -16.91
N LYS A 783 -24.38 6.22 -17.52
CA LYS A 783 -24.23 6.34 -18.97
C LYS A 783 -22.89 5.79 -19.44
N CYS A 784 -21.84 6.04 -18.68
CA CYS A 784 -20.52 5.51 -18.98
C CYS A 784 -20.49 3.97 -18.88
N GLN A 785 -21.18 3.43 -17.87
CA GLN A 785 -21.30 1.98 -17.71
C GLN A 785 -22.03 1.31 -18.89
N GLU A 786 -22.96 2.03 -19.51
CA GLU A 786 -23.64 1.53 -20.71
C GLU A 786 -22.66 1.38 -21.87
N ARG A 787 -21.73 2.33 -21.99
CA ARG A 787 -20.71 2.27 -23.03
C ARG A 787 -19.74 1.11 -22.81
N VAL A 788 -19.47 0.79 -21.54
CA VAL A 788 -18.66 -0.37 -21.20
C VAL A 788 -19.33 -1.65 -21.70
N SER A 789 -20.62 -1.80 -21.36
CA SER A 789 -21.40 -2.97 -21.76
C SER A 789 -21.46 -3.11 -23.29
N ALA A 790 -21.63 -1.98 -23.98
CA ALA A 790 -21.66 -1.97 -25.45
C ALA A 790 -20.37 -2.52 -26.04
N LEU A 791 -19.23 -2.08 -25.51
CA LEU A 791 -17.94 -2.55 -26.01
C LEU A 791 -17.69 -4.02 -25.70
N TYR A 792 -18.17 -4.48 -24.54
CA TYR A 792 -17.95 -5.87 -24.15
C TYR A 792 -18.68 -6.85 -25.07
N LYS A 793 -19.77 -6.39 -25.70
CA LYS A 793 -20.49 -7.19 -26.72
C LYS A 793 -19.67 -7.46 -27.98
N ASN A 794 -18.59 -6.72 -28.18
CA ASN A 794 -17.67 -6.92 -29.30
C ASN A 794 -16.29 -7.34 -28.79
N PRO A 795 -16.10 -8.65 -28.53
CA PRO A 795 -14.89 -9.18 -27.91
C PRO A 795 -13.58 -8.74 -28.57
N ARG A 796 -13.57 -8.64 -29.90
CA ARG A 796 -12.36 -8.28 -30.62
C ARG A 796 -11.93 -6.84 -30.32
N GLU A 797 -12.89 -5.92 -30.33
CA GLU A 797 -12.57 -4.52 -30.07
C GLU A 797 -12.29 -4.26 -28.59
N TRP A 798 -12.96 -5.00 -27.72
CA TRP A 798 -12.64 -4.98 -26.29
C TRP A 798 -11.17 -5.36 -26.10
N THR A 799 -10.77 -6.49 -26.67
CA THR A 799 -9.40 -6.97 -26.52
C THR A 799 -8.36 -6.04 -27.14
N ARG A 800 -8.68 -5.43 -28.27
CA ARG A 800 -7.77 -4.45 -28.88
C ARG A 800 -7.56 -3.25 -27.94
N MET A 801 -8.62 -2.79 -27.29
CA MET A 801 -8.49 -1.69 -26.33
C MET A 801 -7.66 -2.12 -25.12
N VAL A 802 -7.86 -3.35 -24.67
CA VAL A 802 -7.03 -3.93 -23.61
C VAL A 802 -5.56 -3.89 -24.00
N ILE A 803 -5.24 -4.31 -25.22
CA ILE A 803 -3.86 -4.32 -25.67
C ILE A 803 -3.26 -2.93 -25.64
N ARG A 804 -4.05 -1.92 -26.01
CA ARG A 804 -3.58 -0.54 -25.95
C ARG A 804 -3.30 -0.07 -24.52
N ASN A 805 -4.06 -0.60 -23.56
CA ASN A 805 -3.81 -0.33 -22.14
C ASN A 805 -2.54 -1.02 -21.62
N ILE A 806 -2.46 -2.33 -21.82
CA ILE A 806 -1.28 -3.09 -21.38
C ILE A 806 -0.01 -2.48 -21.96
N ALA A 807 -0.05 -2.15 -23.26
CA ALA A 807 1.12 -1.64 -23.98
C ALA A 807 1.63 -0.29 -23.49
N THR A 808 0.78 0.50 -22.83
CA THR A 808 1.16 1.82 -22.35
C THR A 808 1.21 1.90 -20.82
N SER A 809 1.31 0.75 -20.16
CA SER A 809 1.36 0.70 -18.69
C SER A 809 2.78 0.88 -18.14
N GLY A 810 3.78 0.94 -19.03
CA GLY A 810 5.18 1.01 -18.64
C GLY A 810 5.58 2.08 -17.65
N LYS A 811 5.01 3.27 -17.80
CA LYS A 811 5.30 4.39 -16.91
C LYS A 811 5.04 4.06 -15.43
N PHE A 812 4.14 3.11 -15.20
CA PHE A 812 3.65 2.83 -13.85
C PHE A 812 4.40 1.71 -13.15
N SER A 813 5.57 1.39 -13.66
CA SER A 813 6.51 0.55 -12.95
C SER A 813 7.14 1.34 -11.80
N SER A 814 7.20 0.73 -10.63
CA SER A 814 7.87 1.34 -9.49
C SER A 814 9.39 1.47 -9.72
N ASP A 815 9.93 0.74 -10.71
CA ASP A 815 11.33 0.94 -11.10
C ASP A 815 11.53 2.37 -11.64
N ARG A 816 10.54 2.86 -12.40
CA ARG A 816 10.57 4.23 -12.90
C ARG A 816 10.47 5.22 -11.73
N THR A 817 9.53 4.97 -10.84
CA THR A 817 9.34 5.81 -9.66
C THR A 817 10.63 5.92 -8.83
N ILE A 818 11.23 4.79 -8.51
CA ILE A 818 12.43 4.76 -7.68
C ILE A 818 13.63 5.38 -8.38
N ALA A 819 13.75 5.18 -9.69
CA ALA A 819 14.80 5.87 -10.45
C ALA A 819 14.71 7.39 -10.27
N GLN A 820 13.48 7.91 -10.28
CA GLN A 820 13.26 9.34 -10.09
C GLN A 820 13.57 9.82 -8.68
N TYR A 821 13.15 9.07 -7.66
CA TYR A 821 13.55 9.39 -6.28
C TYR A 821 15.08 9.41 -6.17
N ALA A 822 15.72 8.39 -6.75
CA ALA A 822 17.17 8.26 -6.67
C ALA A 822 17.89 9.47 -7.27
N ARG A 823 17.50 9.86 -8.47
CA ARG A 823 18.21 10.93 -9.17
C ARG A 823 17.82 12.32 -8.68
N GLU A 824 16.55 12.51 -8.32
CA GLU A 824 16.01 13.86 -8.05
C GLU A 824 15.92 14.22 -6.57
N ILE A 825 15.96 13.22 -5.69
CA ILE A 825 15.88 13.47 -4.24
C ILE A 825 17.11 12.94 -3.51
N TRP A 826 17.46 11.67 -3.73
CA TRP A 826 18.52 11.03 -2.93
C TRP A 826 19.93 11.29 -3.44
N GLY A 827 20.07 11.65 -4.71
CA GLY A 827 21.37 11.95 -5.28
C GLY A 827 22.23 10.72 -5.47
N VAL A 828 21.60 9.63 -5.94
CA VAL A 828 22.30 8.38 -6.22
C VAL A 828 21.87 7.86 -7.58
N GLU A 829 22.77 7.12 -8.24
CA GLU A 829 22.49 6.57 -9.57
C GLU A 829 22.09 5.11 -9.45
N PRO A 830 20.94 4.74 -10.06
CA PRO A 830 20.56 3.33 -10.14
C PRO A 830 21.50 2.51 -11.01
N SER A 831 21.39 1.19 -10.92
CA SER A 831 22.21 0.28 -11.70
C SER A 831 21.47 -1.03 -11.94
N ARG A 832 21.60 -1.59 -13.14
CA ARG A 832 21.08 -2.93 -13.42
C ARG A 832 22.21 -3.96 -13.56
N GLN A 833 23.43 -3.57 -13.19
CA GLN A 833 24.56 -4.49 -13.22
C GLN A 833 24.44 -5.52 -12.10
N ARG A 834 24.70 -6.78 -12.44
CA ARG A 834 24.55 -7.89 -11.51
C ARG A 834 25.80 -8.02 -10.64
N LEU A 835 25.59 -8.34 -9.37
CA LEU A 835 26.70 -8.75 -8.49
C LEU A 835 27.04 -10.21 -8.80
N PRO A 836 28.29 -10.62 -8.52
CA PRO A 836 28.66 -12.02 -8.75
C PRO A 836 28.00 -12.96 -7.73
N ALA A 837 27.44 -14.07 -8.22
CA ALA A 837 26.71 -15.01 -7.37
C ALA A 837 27.62 -15.71 -6.37
N1 PLP B . -4.88 -3.17 -0.62
C2 PLP B . -4.19 -4.18 -1.20
C2A PLP B . -4.19 -5.56 -0.59
C3 PLP B . -3.43 -3.95 -2.45
O3 PLP B . -2.74 -4.95 -3.04
C4 PLP B . -3.47 -2.58 -3.01
C4A PLP B . -2.75 -2.20 -4.28
C5 PLP B . -4.24 -1.57 -2.28
C6 PLP B . -4.92 -1.93 -1.12
C5A PLP B . -4.33 -0.14 -2.80
O4P PLP B . -5.43 -0.10 -3.70
P PLP B . -6.11 1.31 -4.13
O1P PLP B . -7.23 0.88 -5.03
O2P PLP B . -6.54 1.92 -2.83
O3P PLP B . -5.02 2.07 -4.84
C1 7LS C . -2.64 5.28 9.10
C2 7LS C . -2.82 5.17 11.44
C3 7LS C . -3.02 6.54 11.54
C4 7LS C . -2.94 5.54 2.57
O1 7LS C . -3.10 4.38 2.22
C5 7LS C . -2.82 7.37 7.92
C6 7LS C . -2.82 6.66 9.13
C7 7LS C . -3.01 7.32 10.36
O2 7LS C . -3.18 8.54 10.42
C8 7LS C . -3.21 7.12 12.79
C9 7LS C . -3.20 6.34 13.95
C10 7LS C . -3.02 4.96 13.85
C11 7LS C . -2.82 4.39 12.60
N1 7LS C . -2.64 4.58 10.25
C12 7LS C . -2.44 4.63 7.88
C13 7LS C . -2.43 5.34 6.68
C14 7LS C . -2.63 6.73 6.68
N2 7LS C . -2.64 7.54 5.60
C15 7LS C . -2.70 7.13 4.30
C16 7LS C . -2.54 8.13 3.36
C17 7LS C . -2.57 7.80 2.01
N3 7LS C . -2.91 5.87 3.88
N4 7LS C . -2.80 6.48 1.61
C18 7LS C . -2.80 6.11 0.17
O3 7LS C . -1.39 6.14 -0.20
C19 7LS C . -1.21 5.52 -1.48
C20 7LS C . 0.28 5.41 -1.78
O4 7LS C . 0.76 6.74 -2.09
C21 7LS C . -1.98 6.31 -2.56
O5 7LS C . -1.91 5.61 -3.83
C22 7LS C . -3.45 6.49 -2.18
O6 7LS C . -4.08 7.42 -3.07
C23 7LS C . -3.57 7.03 -0.74
O7 7LS C . -4.93 7.08 -0.32
#